data_6FMH
#
_entry.id   6FMH
#
_cell.length_a   137.060
_cell.length_b   137.060
_cell.length_c   56.410
_cell.angle_alpha   90.000
_cell.angle_beta   90.000
_cell.angle_gamma   120.000
#
_symmetry.space_group_name_H-M   'P 31'
#
_entity_poly.entity_id   1
_entity_poly.type   'polypeptide(L)'
_entity_poly.pdbx_seq_one_letter_code
;GAMGNQKTKASKLETAAKNLENQNKQEYIKINEIDAQGINFLATFKADEKDNLSQYEEMQIKRTIYSSLNYEKQKINTLK
EILETLYNKLQHRYTSKEFIYQIVASIQYDIDRVLCLIKEAIIKDNLHTQNQKESELLMNLDSSLKTRQNFAKKLNETID
DYNKDSKNIQTNVDALATYMKENYKTLDSFKPIN
;
_entity_poly.pdbx_strand_id   A,B,C,D,E,F
#
# COMPACT_ATOMS: atom_id res chain seq x y z
N SER A 11 2.55 -17.67 1.70
CA SER A 11 1.74 -18.77 2.38
C SER A 11 0.35 -18.34 2.91
N LYS A 12 -0.62 -19.26 2.86
CA LYS A 12 -2.01 -18.97 3.18
C LYS A 12 -2.23 -18.25 4.55
N LEU A 13 -1.60 -18.74 5.60
CA LEU A 13 -1.71 -18.16 6.94
C LEU A 13 -1.01 -16.80 6.99
N GLU A 14 0.15 -16.71 6.34
CA GLU A 14 0.84 -15.43 6.20
C GLU A 14 0.00 -14.38 5.46
N THR A 15 -0.66 -14.76 4.36
CA THR A 15 -1.57 -13.80 3.68
C THR A 15 -2.76 -13.48 4.51
N ALA A 16 -3.28 -14.48 5.20
CA ALA A 16 -4.47 -14.28 6.04
C ALA A 16 -4.20 -13.26 7.14
N ALA A 17 -3.11 -13.45 7.88
CA ALA A 17 -2.70 -12.44 8.85
C ALA A 17 -2.49 -11.04 8.20
N LYS A 18 -1.89 -10.97 7.03
CA LYS A 18 -1.56 -9.70 6.44
C LYS A 18 -2.84 -8.93 6.12
N ASN A 19 -3.78 -9.61 5.46
CA ASN A 19 -5.02 -8.97 5.07
C ASN A 19 -5.80 -8.55 6.29
N LEU A 20 -5.78 -9.34 7.35
CA LEU A 20 -6.53 -9.00 8.60
C LEU A 20 -5.84 -7.84 9.29
N GLU A 21 -4.53 -7.88 9.36
CA GLU A 21 -3.75 -6.79 9.88
C GLU A 21 -4.07 -5.43 9.25
N ASN A 22 -4.15 -5.38 7.91
CA ASN A 22 -4.44 -4.15 7.21
C ASN A 22 -5.89 -3.80 7.45
N GLN A 23 -6.73 -4.83 7.55
CA GLN A 23 -8.15 -4.62 7.70
C GLN A 23 -8.39 -3.99 9.07
N ASN A 24 -7.75 -4.57 10.09
CA ASN A 24 -7.71 -3.98 11.41
C ASN A 24 -7.30 -2.50 11.41
N LYS A 25 -6.18 -2.18 10.78
CA LYS A 25 -5.63 -0.83 10.75
C LYS A 25 -6.62 0.16 10.15
N GLN A 26 -7.22 -0.19 9.03
CA GLN A 26 -8.20 0.65 8.38
C GLN A 26 -9.40 0.93 9.29
N GLU A 27 -9.82 -0.08 10.04
CA GLU A 27 -10.92 0.10 11.02
C GLU A 27 -10.53 1.07 12.11
N TYR A 28 -9.33 0.86 12.67
CA TYR A 28 -8.80 1.75 13.74
C TYR A 28 -8.84 3.25 13.28
N ILE A 29 -8.35 3.53 12.05
CA ILE A 29 -8.30 4.89 11.54
C ILE A 29 -9.72 5.39 11.36
N LYS A 30 -10.57 4.65 10.66
CA LYS A 30 -11.93 5.09 10.41
C LYS A 30 -12.69 5.38 11.72
N ILE A 31 -12.58 4.47 12.69
CA ILE A 31 -13.28 4.60 13.93
C ILE A 31 -12.89 5.89 14.61
N ASN A 32 -11.59 6.13 14.71
CA ASN A 32 -11.05 7.28 15.36
C ASN A 32 -11.45 8.55 14.66
N GLU A 33 -11.58 8.50 13.34
CA GLU A 33 -12.12 9.63 12.57
C GLU A 33 -13.48 10.00 13.08
N ILE A 34 -14.40 9.09 12.89
CA ILE A 34 -15.78 9.27 13.32
C ILE A 34 -15.89 9.77 14.73
N ASP A 35 -15.16 9.14 15.63
CA ASP A 35 -15.16 9.50 17.04
C ASP A 35 -14.52 10.86 17.35
N ALA A 36 -13.64 11.32 16.48
CA ALA A 36 -12.96 12.60 16.70
C ALA A 36 -13.95 13.77 16.68
N GLN A 37 -15.08 13.54 16.06
CA GLN A 37 -16.13 14.53 15.91
C GLN A 37 -17.14 14.58 17.09
N GLY A 38 -16.76 14.06 18.26
CA GLY A 38 -17.57 14.23 19.49
C GLY A 38 -18.79 13.33 19.70
N ILE A 39 -19.12 12.50 18.72
CA ILE A 39 -20.12 11.42 18.92
C ILE A 39 -19.57 10.46 19.98
N ASN A 40 -20.21 10.37 21.14
CA ASN A 40 -19.66 9.56 22.24
C ASN A 40 -20.54 8.35 22.31
N PHE A 41 -20.30 7.44 21.39
CA PHE A 41 -21.23 6.34 21.10
C PHE A 41 -21.59 5.58 22.36
N LEU A 42 -20.62 5.32 23.22
CA LEU A 42 -20.89 4.51 24.37
C LEU A 42 -20.80 5.30 25.65
N ALA A 43 -21.01 6.61 25.57
CA ALA A 43 -20.86 7.45 26.77
C ALA A 43 -21.65 6.92 27.94
N THR A 44 -22.93 6.68 27.72
CA THR A 44 -23.83 6.09 28.75
C THR A 44 -23.29 4.83 29.45
N PHE A 45 -22.63 3.97 28.69
CA PHE A 45 -21.99 2.76 29.27
C PHE A 45 -20.70 3.07 30.02
N LYS A 46 -20.01 4.12 29.58
CA LYS A 46 -18.82 4.65 30.21
C LYS A 46 -19.15 5.25 31.56
N ALA A 47 -20.30 5.89 31.66
CA ALA A 47 -20.71 6.54 32.90
C ALA A 47 -21.18 5.53 33.94
N ASP A 48 -21.29 4.26 33.55
CA ASP A 48 -21.78 3.20 34.42
C ASP A 48 -20.69 2.69 35.39
N GLU A 49 -20.99 2.74 36.68
CA GLU A 49 -20.05 2.32 37.74
C GLU A 49 -20.07 0.80 38.00
N LYS A 50 -21.22 0.18 37.76
CA LYS A 50 -21.36 -1.27 37.96
C LYS A 50 -20.35 -2.07 37.15
N ASP A 51 -20.31 -1.82 35.84
CA ASP A 51 -19.31 -2.43 34.95
C ASP A 51 -18.39 -1.37 34.43
N ASN A 52 -17.14 -1.74 34.18
CA ASN A 52 -16.14 -0.81 33.63
C ASN A 52 -15.81 -1.21 32.20
N LEU A 53 -16.29 -0.39 31.28
CA LEU A 53 -15.88 -0.44 29.92
C LEU A 53 -14.49 0.17 29.79
N SER A 54 -13.48 -0.68 29.68
CA SER A 54 -12.17 -0.22 29.33
C SER A 54 -12.14 0.32 27.92
N GLN A 55 -11.10 1.07 27.64
CA GLN A 55 -10.88 1.62 26.33
C GLN A 55 -10.64 0.52 25.21
N TYR A 56 -10.19 -0.66 25.61
CA TYR A 56 -10.02 -1.81 24.69
C TYR A 56 -11.37 -2.44 24.35
N GLU A 57 -12.11 -2.76 25.40
CA GLU A 57 -13.49 -3.25 25.30
C GLU A 57 -14.30 -2.35 24.35
N GLU A 58 -14.26 -1.06 24.61
CA GLU A 58 -14.88 -0.05 23.76
C GLU A 58 -14.49 -0.10 22.27
N MET A 59 -13.21 -0.24 22.01
CA MET A 59 -12.71 -0.25 20.65
C MET A 59 -13.23 -1.47 19.91
N GLN A 60 -13.19 -2.60 20.59
CA GLN A 60 -13.60 -3.87 20.01
C GLN A 60 -15.05 -3.76 19.64
N ILE A 61 -15.85 -3.29 20.60
CA ILE A 61 -17.25 -3.11 20.32
C ILE A 61 -17.49 -2.28 19.06
N LYS A 62 -16.83 -1.14 18.97
CA LYS A 62 -16.92 -0.24 17.80
C LYS A 62 -16.44 -0.85 16.47
N ARG A 63 -15.38 -1.66 16.54
CA ARG A 63 -14.91 -2.33 15.33
C ARG A 63 -16.06 -3.07 14.66
N THR A 64 -16.80 -3.83 15.45
CA THR A 64 -17.93 -4.62 14.88
C THR A 64 -19.09 -3.77 14.47
N ILE A 65 -19.46 -2.86 15.34
CA ILE A 65 -20.64 -2.00 15.10
C ILE A 65 -20.44 -1.08 13.93
N TYR A 66 -19.35 -0.30 13.98
CA TYR A 66 -19.10 0.75 13.00
C TYR A 66 -18.88 0.15 11.64
N SER A 67 -18.17 -0.96 11.61
CA SER A 67 -17.90 -1.63 10.32
C SER A 67 -19.22 -2.13 9.83
N SER A 68 -20.06 -2.57 10.76
CA SER A 68 -21.36 -3.13 10.40
C SER A 68 -22.30 -2.09 9.83
N LEU A 69 -22.25 -0.90 10.39
CA LEU A 69 -23.05 0.22 9.93
C LEU A 69 -22.27 1.12 9.00
N ASN A 70 -21.20 0.60 8.43
CA ASN A 70 -20.56 1.30 7.36
C ASN A 70 -20.00 2.70 7.66
N TYR A 71 -19.78 2.95 8.93
CA TYR A 71 -19.19 4.15 9.40
C TYR A 71 -20.06 5.34 9.09
N GLU A 72 -21.37 5.10 8.98
CA GLU A 72 -22.40 6.15 8.83
C GLU A 72 -22.87 6.67 10.19
N LYS A 73 -22.34 7.83 10.54
CA LYS A 73 -22.67 8.49 11.80
C LYS A 73 -24.15 8.45 12.13
N GLN A 74 -24.99 8.64 11.15
CA GLN A 74 -26.41 8.68 11.41
C GLN A 74 -26.95 7.36 11.98
N LYS A 75 -26.63 6.30 11.29
CA LYS A 75 -26.92 4.97 11.74
C LYS A 75 -26.37 4.63 13.14
N ILE A 76 -25.15 5.06 13.42
CA ILE A 76 -24.55 4.81 14.71
C ILE A 76 -25.32 5.56 15.76
N ASN A 77 -25.74 6.76 15.43
CA ASN A 77 -26.50 7.57 16.38
C ASN A 77 -27.82 6.94 16.71
N THR A 78 -28.46 6.37 15.71
CA THR A 78 -29.74 5.66 15.91
C THR A 78 -29.57 4.48 16.85
N LEU A 79 -28.48 3.75 16.64
CA LEU A 79 -28.21 2.61 17.45
C LEU A 79 -27.96 3.08 18.88
N LYS A 80 -27.29 4.21 18.98
CA LYS A 80 -27.03 4.82 20.28
C LYS A 80 -28.34 5.11 21.03
N GLU A 81 -29.31 5.66 20.30
CA GLU A 81 -30.57 5.95 20.91
C GLU A 81 -31.26 4.65 21.37
N ILE A 82 -31.31 3.67 20.48
CA ILE A 82 -31.84 2.35 20.82
C ILE A 82 -31.25 1.84 22.16
N LEU A 83 -29.92 1.87 22.25
CA LEU A 83 -29.29 1.30 23.42
C LEU A 83 -29.50 2.13 24.64
N GLU A 84 -29.57 3.45 24.48
CA GLU A 84 -29.80 4.35 25.61
C GLU A 84 -31.24 4.37 26.10
N THR A 85 -32.18 4.21 25.19
CA THR A 85 -33.56 3.93 25.61
C THR A 85 -33.60 2.71 26.53
N LEU A 86 -33.01 1.60 26.07
CA LEU A 86 -33.08 0.32 26.79
C LEU A 86 -32.38 0.45 28.13
N TYR A 87 -31.23 1.12 28.12
CA TYR A 87 -30.43 1.35 29.31
C TYR A 87 -31.18 2.20 30.33
N ASN A 88 -31.84 3.25 29.87
CA ASN A 88 -32.59 4.10 30.78
C ASN A 88 -33.86 3.51 31.35
N LYS A 89 -34.29 2.35 30.86
CA LYS A 89 -35.36 1.62 31.50
C LYS A 89 -34.78 0.47 32.29
N LEU A 90 -34.75 0.64 33.59
CA LEU A 90 -34.18 -0.35 34.50
C LEU A 90 -34.59 -1.78 34.13
N GLN A 91 -35.89 -2.00 33.92
CA GLN A 91 -36.38 -3.34 33.50
C GLN A 91 -35.52 -3.97 32.36
N HIS A 92 -35.14 -3.15 31.37
CA HIS A 92 -34.48 -3.64 30.18
C HIS A 92 -33.01 -3.25 30.06
N ARG A 93 -32.47 -2.58 31.07
CA ARG A 93 -31.07 -2.21 31.02
C ARG A 93 -30.22 -3.39 30.53
N TYR A 94 -30.45 -4.56 31.12
CA TYR A 94 -29.60 -5.73 30.89
C TYR A 94 -29.50 -6.12 29.43
N THR A 95 -30.59 -5.93 28.71
CA THR A 95 -30.65 -6.24 27.32
C THR A 95 -29.69 -5.39 26.49
N SER A 96 -29.50 -4.11 26.87
CA SER A 96 -28.52 -3.28 26.20
C SER A 96 -27.14 -3.81 26.51
N LYS A 97 -26.90 -4.10 27.77
CA LYS A 97 -25.59 -4.64 28.19
C LYS A 97 -25.28 -5.96 27.51
N GLU A 98 -26.24 -6.87 27.51
CA GLU A 98 -26.02 -8.16 26.85
C GLU A 98 -25.72 -7.99 25.35
N PHE A 99 -26.50 -7.16 24.66
CA PHE A 99 -26.22 -6.87 23.25
C PHE A 99 -24.73 -6.46 23.09
N ILE A 100 -24.26 -5.60 23.97
CA ILE A 100 -22.95 -4.99 23.89
C ILE A 100 -21.86 -5.98 24.31
N TYR A 101 -21.95 -6.45 25.55
CA TYR A 101 -20.92 -7.29 26.09
C TYR A 101 -21.01 -8.74 25.65
N GLN A 102 -22.20 -9.26 25.39
CA GLN A 102 -22.34 -10.67 25.09
C GLN A 102 -22.41 -11.01 23.64
N ILE A 103 -23.01 -10.15 22.83
CA ILE A 103 -23.14 -10.45 21.41
C ILE A 103 -22.07 -9.74 20.60
N VAL A 104 -22.03 -8.40 20.70
CA VAL A 104 -21.19 -7.62 19.81
C VAL A 104 -19.73 -7.96 20.12
N ALA A 105 -19.40 -8.00 21.39
CA ALA A 105 -18.06 -8.18 21.82
C ALA A 105 -17.53 -9.58 21.46
N SER A 106 -18.42 -10.54 21.44
CA SER A 106 -18.02 -11.93 21.19
C SER A 106 -17.77 -12.12 19.72
N ILE A 107 -18.59 -11.48 18.91
CA ILE A 107 -18.43 -11.52 17.48
C ILE A 107 -17.05 -11.02 17.15
N GLN A 108 -16.68 -9.93 17.78
CA GLN A 108 -15.34 -9.38 17.60
C GLN A 108 -14.31 -10.33 18.15
N TYR A 109 -14.41 -10.80 19.37
CA TYR A 109 -13.32 -11.56 19.95
C TYR A 109 -12.96 -12.78 19.16
N ASP A 110 -13.94 -13.42 18.62
CA ASP A 110 -13.70 -14.58 17.85
C ASP A 110 -12.74 -14.30 16.75
N ILE A 111 -12.94 -13.22 16.05
CA ILE A 111 -12.11 -12.82 14.95
C ILE A 111 -10.71 -12.55 15.40
N ASP A 112 -10.58 -11.99 16.58
CA ASP A 112 -9.34 -11.58 17.14
C ASP A 112 -8.59 -12.73 17.70
N ARG A 113 -9.29 -13.64 18.35
CA ARG A 113 -8.77 -14.93 18.83
C ARG A 113 -8.05 -15.79 17.81
N VAL A 114 -8.62 -15.90 16.64
CA VAL A 114 -8.08 -16.60 15.51
C VAL A 114 -6.85 -15.96 14.92
N LEU A 115 -6.78 -14.66 14.93
CA LEU A 115 -5.64 -13.98 14.42
C LEU A 115 -4.55 -14.08 15.44
N CYS A 116 -4.91 -14.13 16.69
CA CYS A 116 -3.95 -14.28 17.75
C CYS A 116 -3.30 -15.65 17.59
N LEU A 117 -4.01 -16.65 17.11
CA LEU A 117 -3.59 -18.04 16.96
C LEU A 117 -2.96 -18.43 15.64
N ILE A 118 -3.33 -17.72 14.60
CA ILE A 118 -2.72 -17.78 13.32
C ILE A 118 -1.36 -17.14 13.40
N LYS A 119 -1.21 -16.12 14.21
CA LYS A 119 0.07 -15.51 14.42
C LYS A 119 1.02 -16.46 15.09
N GLU A 120 0.54 -17.23 16.05
CA GLU A 120 1.29 -18.27 16.72
C GLU A 120 1.82 -19.36 15.87
N ALA A 121 1.08 -19.77 14.87
CA ALA A 121 1.52 -20.75 13.93
C ALA A 121 2.55 -20.17 12.99
N ILE A 122 2.38 -18.95 12.57
CA ILE A 122 3.38 -18.34 11.72
C ILE A 122 4.76 -18.26 12.42
N ILE A 123 4.76 -17.76 13.66
CA ILE A 123 5.98 -17.47 14.39
C ILE A 123 6.61 -18.64 15.13
N LYS A 124 5.88 -19.19 16.08
CA LYS A 124 6.42 -20.26 16.94
C LYS A 124 6.54 -21.65 16.31
N ASP A 125 5.72 -21.96 15.31
CA ASP A 125 5.65 -23.29 14.79
C ASP A 125 6.36 -23.47 13.48
N ASN A 126 6.88 -24.67 13.30
CA ASN A 126 7.61 -25.06 12.09
C ASN A 126 6.60 -25.50 11.06
N LEU A 127 7.10 -25.67 9.83
CA LEU A 127 6.20 -25.86 8.68
C LEU A 127 5.22 -27.03 8.83
N HIS A 128 5.65 -28.11 9.50
CA HIS A 128 4.84 -29.33 9.59
C HIS A 128 3.61 -29.07 10.43
N THR A 129 3.84 -28.70 11.68
CA THR A 129 2.74 -28.27 12.54
C THR A 129 1.90 -27.24 11.80
N GLN A 130 2.57 -26.20 11.30
CA GLN A 130 1.91 -25.10 10.59
C GLN A 130 0.94 -25.58 9.59
N ASN A 131 1.31 -26.63 8.89
CA ASN A 131 0.43 -27.26 7.91
C ASN A 131 -0.72 -28.10 8.50
N GLN A 132 -0.53 -28.59 9.71
CA GLN A 132 -1.53 -29.38 10.38
C GLN A 132 -2.67 -28.43 10.77
N LYS A 133 -2.35 -27.48 11.66
CA LYS A 133 -3.20 -26.33 12.10
C LYS A 133 -3.85 -25.50 10.99
N GLU A 134 -3.27 -25.50 9.79
CA GLU A 134 -3.64 -24.55 8.78
C GLU A 134 -5.11 -24.54 8.44
N SER A 135 -5.63 -25.69 8.03
CA SER A 135 -7.01 -25.78 7.54
C SER A 135 -8.02 -25.29 8.57
N GLU A 136 -7.83 -25.71 9.82
CA GLU A 136 -8.76 -25.40 10.86
C GLU A 136 -8.81 -23.91 11.23
N LEU A 137 -7.63 -23.31 11.28
CA LEU A 137 -7.55 -21.88 11.54
C LEU A 137 -8.18 -21.08 10.42
N LEU A 138 -8.03 -21.55 9.18
CA LEU A 138 -8.59 -20.84 8.05
C LEU A 138 -10.08 -20.94 8.04
N MET A 139 -10.56 -22.13 8.39
CA MET A 139 -11.99 -22.36 8.46
C MET A 139 -12.60 -21.50 9.58
N ASN A 140 -12.00 -21.52 10.76
CA ASN A 140 -12.44 -20.68 11.85
C ASN A 140 -12.45 -19.21 11.49
N LEU A 141 -11.42 -18.79 10.79
CA LEU A 141 -11.27 -17.38 10.41
C LEU A 141 -12.43 -16.99 9.55
N ASP A 142 -12.68 -17.84 8.57
CA ASP A 142 -13.80 -17.62 7.67
C ASP A 142 -15.12 -17.51 8.46
N SER A 143 -15.32 -18.45 9.37
CA SER A 143 -16.58 -18.58 10.05
C SER A 143 -16.85 -17.37 10.92
N SER A 144 -15.79 -16.91 11.56
CA SER A 144 -15.87 -15.76 12.40
C SER A 144 -16.07 -14.41 11.64
N LEU A 145 -15.53 -14.26 10.43
CA LEU A 145 -15.86 -13.13 9.56
C LEU A 145 -17.28 -13.19 9.04
N LYS A 146 -17.72 -14.34 8.59
CA LYS A 146 -19.09 -14.55 8.11
C LYS A 146 -20.12 -14.20 9.22
N THR A 147 -19.83 -14.68 10.42
CA THR A 147 -20.68 -14.37 11.58
C THR A 147 -20.88 -12.86 11.69
N ARG A 148 -19.79 -12.13 11.63
CA ARG A 148 -19.87 -10.70 11.78
C ARG A 148 -20.68 -10.08 10.61
N GLN A 149 -20.53 -10.65 9.42
CA GLN A 149 -21.33 -10.17 8.28
C GLN A 149 -22.81 -10.38 8.56
N ASN A 150 -23.16 -11.53 9.14
CA ASN A 150 -24.59 -11.84 9.32
C ASN A 150 -25.13 -10.96 10.37
N PHE A 151 -24.36 -10.75 11.42
CA PHE A 151 -24.74 -9.73 12.40
C PHE A 151 -24.98 -8.34 11.78
N ALA A 152 -24.09 -7.93 10.89
CA ALA A 152 -24.15 -6.61 10.25
C ALA A 152 -25.41 -6.51 9.42
N LYS A 153 -25.69 -7.56 8.67
CA LYS A 153 -26.89 -7.59 7.84
C LYS A 153 -28.09 -7.36 8.79
N LYS A 154 -28.15 -8.17 9.85
CA LYS A 154 -29.17 -8.03 10.84
C LYS A 154 -29.23 -6.66 11.46
N LEU A 155 -28.07 -6.07 11.76
CA LEU A 155 -28.02 -4.74 12.39
C LEU A 155 -28.56 -3.61 11.48
N ASN A 156 -28.41 -3.75 10.17
CA ASN A 156 -28.96 -2.74 9.26
C ASN A 156 -30.47 -2.83 9.14
N GLU A 157 -30.94 -4.08 9.17
CA GLU A 157 -32.36 -4.37 9.18
C GLU A 157 -33.03 -3.80 10.46
N THR A 158 -32.31 -3.84 11.55
CA THR A 158 -32.79 -3.28 12.78
C THR A 158 -32.84 -1.74 12.78
N ILE A 159 -31.81 -1.08 12.28
CA ILE A 159 -31.83 0.37 12.11
C ILE A 159 -33.02 0.81 11.23
N ASP A 160 -33.21 0.13 10.11
CA ASP A 160 -34.32 0.45 9.26
C ASP A 160 -35.65 0.24 9.98
N ASP A 161 -35.80 -0.92 10.61
CA ASP A 161 -37.02 -1.23 11.36
C ASP A 161 -37.31 -0.19 12.40
N TYR A 162 -36.28 0.28 13.05
CA TYR A 162 -36.44 1.30 14.08
C TYR A 162 -36.96 2.60 13.51
N ASN A 163 -36.37 3.04 12.40
CA ASN A 163 -36.80 4.27 11.77
C ASN A 163 -38.21 4.21 11.21
N LYS A 164 -38.66 3.03 10.82
CA LYS A 164 -40.04 2.86 10.40
C LYS A 164 -40.97 2.56 11.58
N ASP A 165 -40.45 2.51 12.80
CA ASP A 165 -41.28 2.14 14.00
C ASP A 165 -42.05 0.82 13.82
N SER A 166 -41.44 -0.10 13.08
CA SER A 166 -42.02 -1.41 12.83
C SER A 166 -42.26 -2.13 14.14
N LYS A 167 -43.50 -2.56 14.38
CA LYS A 167 -43.83 -3.27 15.59
C LYS A 167 -43.64 -2.35 16.80
N ASN A 168 -43.91 -1.07 16.56
CA ASN A 168 -43.87 -0.04 17.58
C ASN A 168 -42.53 0.04 18.34
N ILE A 169 -41.44 -0.34 17.66
CA ILE A 169 -40.15 -0.49 18.27
C ILE A 169 -39.49 0.86 18.65
N GLN A 170 -39.94 1.94 18.06
CA GLN A 170 -39.48 3.28 18.44
C GLN A 170 -40.38 3.91 19.47
N THR A 171 -41.62 3.49 19.45
CA THR A 171 -42.63 4.05 20.32
C THR A 171 -42.71 3.33 21.65
N ASN A 172 -42.29 2.07 21.66
CA ASN A 172 -42.55 1.21 22.80
C ASN A 172 -41.32 0.49 23.21
N VAL A 173 -40.75 0.92 24.32
CA VAL A 173 -39.53 0.29 24.84
C VAL A 173 -39.70 -1.19 25.08
N ASP A 174 -40.83 -1.60 25.64
CA ASP A 174 -41.10 -3.02 25.84
C ASP A 174 -41.08 -3.79 24.54
N ALA A 175 -41.67 -3.19 23.50
CA ALA A 175 -41.65 -3.79 22.18
C ALA A 175 -40.21 -3.85 21.76
N LEU A 176 -39.49 -2.73 21.94
CA LEU A 176 -38.09 -2.63 21.54
C LEU A 176 -37.28 -3.76 22.17
N ALA A 177 -37.47 -3.93 23.48
CA ALA A 177 -36.78 -4.95 24.24
C ALA A 177 -37.05 -6.35 23.67
N THR A 178 -38.28 -6.60 23.27
CA THR A 178 -38.59 -7.91 22.77
C THR A 178 -37.88 -8.17 21.44
N TYR A 179 -37.87 -7.14 20.60
CA TYR A 179 -37.25 -7.25 19.32
C TYR A 179 -35.74 -7.56 19.47
N MET A 180 -35.05 -6.79 20.31
CA MET A 180 -33.63 -6.96 20.47
C MET A 180 -33.36 -8.34 21.03
N LYS A 181 -34.22 -8.80 21.96
CA LYS A 181 -34.09 -10.16 22.49
C LYS A 181 -34.22 -11.24 21.39
N GLU A 182 -35.24 -11.12 20.53
CA GLU A 182 -35.57 -12.16 19.54
C GLU A 182 -34.62 -12.15 18.30
N ASN A 183 -33.90 -11.06 18.07
CA ASN A 183 -33.03 -10.96 16.89
C ASN A 183 -31.57 -11.03 17.25
N TYR A 184 -31.28 -11.02 18.54
CA TYR A 184 -29.91 -11.15 18.97
C TYR A 184 -29.78 -12.15 20.09
N LYS A 185 -30.40 -13.29 19.93
CA LYS A 185 -30.57 -14.29 20.99
C LYS A 185 -29.25 -14.80 21.48
N THR A 186 -28.44 -15.13 20.50
CA THR A 186 -27.22 -15.84 20.72
C THR A 186 -26.20 -15.50 19.58
N LEU A 187 -24.94 -15.38 19.94
CA LEU A 187 -23.82 -15.42 18.98
C LEU A 187 -23.97 -16.52 17.89
N ASP A 188 -24.23 -17.75 18.32
CA ASP A 188 -24.30 -18.90 17.43
C ASP A 188 -25.31 -18.74 16.30
N SER A 189 -26.36 -17.94 16.53
CA SER A 189 -27.40 -17.77 15.55
C SER A 189 -26.88 -17.02 14.35
N PHE A 190 -25.81 -16.24 14.52
CA PHE A 190 -25.25 -15.48 13.40
C PHE A 190 -24.18 -16.25 12.64
N LYS A 191 -23.79 -17.43 13.15
CA LYS A 191 -22.80 -18.28 12.47
C LYS A 191 -23.38 -18.86 11.23
N PRO A 192 -22.52 -19.13 10.25
CA PRO A 192 -22.99 -19.80 9.05
C PRO A 192 -23.42 -21.22 9.31
N ILE A 193 -24.33 -21.71 8.51
CA ILE A 193 -25.01 -22.97 8.83
C ILE A 193 -24.22 -24.21 8.40
N ALA B 10 -11.81 0.06 37.02
CA ALA B 10 -10.68 -0.42 36.20
C ALA B 10 -10.00 -1.56 36.95
N SER B 11 -9.97 -2.70 36.29
CA SER B 11 -9.35 -3.87 36.83
C SER B 11 -7.90 -3.81 36.43
N LYS B 12 -7.07 -4.42 37.25
CA LYS B 12 -5.69 -4.56 36.93
C LYS B 12 -5.42 -5.01 35.50
N LEU B 13 -6.18 -5.98 35.04
CA LEU B 13 -6.00 -6.50 33.69
C LEU B 13 -6.38 -5.43 32.67
N GLU B 14 -7.47 -4.74 32.95
CA GLU B 14 -7.88 -3.69 32.07
C GLU B 14 -6.78 -2.61 31.96
N THR B 15 -6.18 -2.23 33.09
CA THR B 15 -5.10 -1.23 33.06
C THR B 15 -3.83 -1.80 32.42
N ALA B 16 -3.58 -3.09 32.62
CA ALA B 16 -2.46 -3.78 31.95
C ALA B 16 -2.59 -3.78 30.43
N ALA B 17 -3.72 -4.22 29.91
CA ALA B 17 -4.02 -4.08 28.47
C ALA B 17 -3.90 -2.64 27.95
N LYS B 18 -4.39 -1.66 28.70
CA LYS B 18 -4.37 -0.25 28.23
C LYS B 18 -2.94 0.22 28.06
N ASN B 19 -2.12 0.01 29.08
CA ASN B 19 -0.74 0.47 29.06
C ASN B 19 0.06 -0.23 27.98
N LEU B 20 -0.22 -1.52 27.75
CA LEU B 20 0.42 -2.27 26.68
C LEU B 20 -0.01 -1.77 25.30
N GLU B 21 -1.31 -1.59 25.15
CA GLU B 21 -1.85 -1.07 23.92
C GLU B 21 -1.21 0.25 23.52
N ASN B 22 -1.03 1.17 24.48
CA ASN B 22 -0.50 2.52 24.20
C ASN B 22 0.95 2.41 23.88
N GLN B 23 1.57 1.47 24.56
CA GLN B 23 2.96 1.28 24.36
C GLN B 23 3.16 0.73 22.94
N ASN B 24 2.36 -0.29 22.57
CA ASN B 24 2.36 -0.82 21.21
C ASN B 24 2.26 0.28 20.15
N LYS B 25 1.25 1.14 20.28
CA LYS B 25 0.96 2.14 19.29
C LYS B 25 2.14 3.08 19.05
N GLN B 26 2.71 3.56 20.13
CA GLN B 26 3.84 4.44 20.07
C GLN B 26 5.01 3.78 19.36
N GLU B 27 5.22 2.49 19.61
CA GLU B 27 6.28 1.74 18.93
C GLU B 27 6.06 1.71 17.40
N TYR B 28 4.82 1.40 17.00
CA TYR B 28 4.47 1.37 15.58
C TYR B 28 4.84 2.67 14.91
N ILE B 29 4.43 3.79 15.51
CA ILE B 29 4.68 5.10 14.90
C ILE B 29 6.20 5.35 14.83
N LYS B 30 6.89 5.17 15.93
CA LYS B 30 8.34 5.41 15.99
C LYS B 30 9.10 4.56 14.99
N ILE B 31 8.73 3.28 14.91
CA ILE B 31 9.40 2.36 14.02
C ILE B 31 9.25 2.83 12.60
N ASN B 32 8.02 3.17 12.23
CA ASN B 32 7.72 3.63 10.87
C ASN B 32 8.44 4.91 10.52
N GLU B 33 8.59 5.79 11.51
CA GLU B 33 9.35 7.01 11.33
C GLU B 33 10.78 6.73 10.92
N ILE B 34 11.51 6.05 11.80
CA ILE B 34 12.84 5.59 11.53
C ILE B 34 12.99 4.91 10.17
N ASP B 35 12.10 3.98 9.87
CA ASP B 35 12.15 3.22 8.62
C ASP B 35 11.83 4.06 7.41
N ALA B 36 11.07 5.16 7.61
CA ALA B 36 10.66 6.02 6.47
C ALA B 36 11.91 6.65 5.81
N GLN B 37 12.99 6.73 6.56
CA GLN B 37 14.25 7.29 6.11
C GLN B 37 15.17 6.31 5.35
N GLY B 38 14.63 5.22 4.80
CA GLY B 38 15.38 4.37 3.88
C GLY B 38 16.33 3.34 4.48
N ILE B 39 16.52 3.38 5.81
CA ILE B 39 17.20 2.31 6.49
C ILE B 39 16.40 1.03 6.34
N ASN B 40 17.04 0.04 5.74
CA ASN B 40 16.36 -1.14 5.38
C ASN B 40 16.87 -2.24 6.25
N PHE B 41 16.43 -2.17 7.51
CA PHE B 41 17.08 -2.91 8.55
C PHE B 41 17.20 -4.41 8.24
N LEU B 42 16.15 -5.02 7.72
CA LEU B 42 16.17 -6.45 7.48
C LEU B 42 16.19 -6.81 5.99
N ALA B 43 16.69 -5.91 5.16
CA ALA B 43 16.65 -6.15 3.71
C ALA B 43 17.20 -7.50 3.37
N THR B 44 18.41 -7.73 3.85
CA THR B 44 19.13 -8.99 3.56
C THR B 44 18.33 -10.25 3.92
N PHE B 45 17.54 -10.17 4.98
CA PHE B 45 16.66 -11.30 5.35
C PHE B 45 15.43 -11.41 4.46
N LYS B 46 15.00 -10.26 3.97
CA LYS B 46 13.89 -10.16 3.06
C LYS B 46 14.23 -10.78 1.73
N ALA B 47 15.44 -10.56 1.31
CA ALA B 47 15.89 -11.09 0.02
C ALA B 47 16.07 -12.62 0.05
N ASP B 48 15.96 -13.22 1.24
CA ASP B 48 16.17 -14.64 1.42
C ASP B 48 14.96 -15.49 1.00
N GLU B 49 15.22 -16.44 0.09
CA GLU B 49 14.16 -17.32 -0.42
C GLU B 49 13.86 -18.50 0.50
N LYS B 50 14.87 -18.98 1.23
CA LYS B 50 14.70 -20.14 2.12
C LYS B 50 13.59 -19.88 3.11
N ASP B 51 13.78 -18.81 3.86
CA ASP B 51 12.84 -18.36 4.87
C ASP B 51 12.08 -17.17 4.43
N ASN B 52 10.99 -16.93 5.12
CA ASN B 52 10.14 -15.80 4.82
C ASN B 52 9.83 -14.94 6.00
N LEU B 53 10.13 -13.68 5.82
CA LEU B 53 9.78 -12.65 6.74
C LEU B 53 8.59 -12.00 6.11
N SER B 54 7.48 -12.11 6.77
CA SER B 54 6.30 -11.40 6.42
C SER B 54 6.46 -10.07 7.05
N GLN B 55 5.68 -9.09 6.62
CA GLN B 55 5.78 -7.76 7.12
C GLN B 55 5.32 -7.59 8.58
N TYR B 56 4.53 -8.53 9.06
CA TYR B 56 4.17 -8.66 10.46
C TYR B 56 5.30 -9.16 11.27
N GLU B 57 5.86 -10.28 10.87
CA GLU B 57 7.01 -10.83 11.50
C GLU B 57 8.07 -9.75 11.61
N GLU B 58 8.31 -9.03 10.53
CA GLU B 58 9.30 -7.98 10.49
C GLU B 58 9.05 -6.87 11.45
N MET B 59 7.81 -6.53 11.61
CA MET B 59 7.41 -5.47 12.53
C MET B 59 7.68 -5.91 13.95
N GLN B 60 7.32 -7.16 14.24
CA GLN B 60 7.47 -7.70 15.58
C GLN B 60 8.96 -7.71 15.94
N ILE B 61 9.78 -8.22 15.04
CA ILE B 61 11.26 -8.18 15.26
C ILE B 61 11.72 -6.77 15.59
N LYS B 62 11.31 -5.78 14.79
CA LYS B 62 11.66 -4.34 15.00
C LYS B 62 11.14 -3.74 16.28
N ARG B 63 9.96 -4.18 16.72
CA ARG B 63 9.46 -3.75 18.02
C ARG B 63 10.48 -4.01 19.14
N THR B 64 11.00 -5.24 19.19
CA THR B 64 11.94 -5.59 20.26
C THR B 64 13.26 -4.91 20.07
N ILE B 65 13.78 -4.98 18.85
CA ILE B 65 15.10 -4.40 18.57
C ILE B 65 15.13 -2.88 18.77
N TYR B 66 14.24 -2.17 18.07
CA TYR B 66 14.25 -0.70 18.02
C TYR B 66 13.96 -0.11 19.38
N SER B 67 13.03 -0.75 20.10
CA SER B 67 12.73 -0.30 21.46
C SER B 67 13.92 -0.57 22.36
N SER B 68 14.61 -1.67 22.11
CA SER B 68 15.80 -2.04 22.88
C SER B 68 16.95 -1.09 22.66
N LEU B 69 17.11 -0.62 21.43
CA LEU B 69 18.18 0.35 21.09
C LEU B 69 17.66 1.79 21.08
N ASN B 70 16.52 2.03 21.72
CA ASN B 70 16.00 3.37 21.92
C ASN B 70 15.71 4.17 20.67
N TYR B 71 15.52 3.49 19.58
CA TYR B 71 15.19 4.15 18.32
C TYR B 71 16.35 5.04 17.83
N GLU B 72 17.58 4.70 18.23
CA GLU B 72 18.79 5.34 17.72
C GLU B 72 19.27 4.71 16.42
N LYS B 73 19.00 5.39 15.32
CA LYS B 73 19.39 4.94 13.98
C LYS B 73 20.83 4.39 13.93
N GLN B 74 21.77 5.06 14.57
CA GLN B 74 23.15 4.63 14.49
C GLN B 74 23.27 3.20 15.01
N LYS B 75 22.78 2.99 16.21
CA LYS B 75 22.77 1.67 16.87
C LYS B 75 22.12 0.59 16.03
N ILE B 76 21.02 0.91 15.40
CA ILE B 76 20.31 -0.05 14.55
C ILE B 76 21.08 -0.39 13.31
N ASN B 77 21.73 0.61 12.75
CA ASN B 77 22.63 0.38 11.61
C ASN B 77 23.83 -0.50 11.98
N THR B 78 24.43 -0.31 13.17
CA THR B 78 25.53 -1.20 13.60
C THR B 78 25.06 -2.65 13.78
N LEU B 79 23.85 -2.82 14.32
CA LEU B 79 23.28 -4.14 14.48
C LEU B 79 23.03 -4.78 13.11
N LYS B 80 22.58 -3.96 12.18
CA LYS B 80 22.40 -4.39 10.81
C LYS B 80 23.72 -4.94 10.22
N GLU B 81 24.83 -4.21 10.44
CA GLU B 81 26.13 -4.67 9.96
C GLU B 81 26.44 -6.06 10.57
N ILE B 82 26.34 -6.13 11.90
CA ILE B 82 26.60 -7.33 12.60
C ILE B 82 25.87 -8.48 11.94
N LEU B 83 24.58 -8.32 11.77
CA LEU B 83 23.78 -9.39 11.26
C LEU B 83 24.10 -9.72 9.79
N GLU B 84 24.44 -8.71 8.99
CA GLU B 84 24.75 -8.94 7.60
C GLU B 84 26.12 -9.53 7.37
N THR B 85 27.03 -9.18 8.24
CA THR B 85 28.30 -9.86 8.24
C THR B 85 28.06 -11.35 8.45
N LEU B 86 27.33 -11.71 9.51
CA LEU B 86 27.13 -13.11 9.89
C LEU B 86 26.39 -13.86 8.80
N TYR B 87 25.40 -13.20 8.23
CA TYR B 87 24.60 -13.76 7.12
C TYR B 87 25.42 -14.03 5.87
N ASN B 88 26.32 -13.12 5.56
CA ASN B 88 27.14 -13.28 4.35
C ASN B 88 28.24 -14.29 4.48
N LYS B 89 28.46 -14.78 5.69
CA LYS B 89 29.39 -15.91 5.85
C LYS B 89 28.57 -17.19 6.07
N LEU B 90 28.53 -18.02 5.03
CA LEU B 90 27.78 -19.26 5.06
C LEU B 90 27.90 -19.98 6.38
N GLN B 91 29.13 -20.16 6.83
CA GLN B 91 29.34 -20.91 8.09
C GLN B 91 28.45 -20.41 9.19
N HIS B 92 28.30 -19.08 9.29
CA HIS B 92 27.61 -18.44 10.44
C HIS B 92 26.24 -17.88 10.11
N ARG B 93 25.79 -18.04 8.88
CA ARG B 93 24.49 -17.50 8.52
C ARG B 93 23.49 -17.84 9.61
N TYR B 94 23.46 -19.10 10.01
CA TYR B 94 22.41 -19.61 10.91
C TYR B 94 22.32 -18.83 12.22
N THR B 95 23.47 -18.33 12.69
CA THR B 95 23.51 -17.55 13.93
C THR B 95 22.72 -16.26 13.77
N SER B 96 22.81 -15.62 12.61
CA SER B 96 22.03 -14.41 12.34
C SER B 96 20.52 -14.73 12.32
N LYS B 97 20.18 -15.80 11.64
CA LYS B 97 18.78 -16.26 11.61
C LYS B 97 18.23 -16.64 12.99
N GLU B 98 19.00 -17.44 13.75
CA GLU B 98 18.61 -17.82 15.10
C GLU B 98 18.41 -16.58 15.98
N PHE B 99 19.37 -15.64 15.97
CA PHE B 99 19.21 -14.41 16.70
C PHE B 99 17.87 -13.73 16.38
N ILE B 100 17.52 -13.70 15.10
CA ILE B 100 16.35 -13.02 14.63
C ILE B 100 15.09 -13.84 14.96
N TYR B 101 15.04 -15.06 14.44
CA TYR B 101 13.79 -15.82 14.46
C TYR B 101 13.63 -16.54 15.77
N GLN B 102 14.72 -16.93 16.41
CA GLN B 102 14.61 -17.70 17.64
C GLN B 102 14.66 -16.90 18.93
N ILE B 103 15.46 -15.85 18.94
CA ILE B 103 15.60 -15.06 20.14
C ILE B 103 14.75 -13.80 20.12
N VAL B 104 14.93 -12.97 19.14
CA VAL B 104 14.26 -11.70 19.13
C VAL B 104 12.77 -11.87 19.00
N ALA B 105 12.38 -12.72 18.06
CA ALA B 105 10.98 -12.94 17.74
C ALA B 105 10.23 -13.59 18.91
N SER B 106 10.92 -14.39 19.70
CA SER B 106 10.30 -15.10 20.78
C SER B 106 10.10 -14.17 21.97
N ILE B 107 11.09 -13.35 22.19
CA ILE B 107 10.99 -12.35 23.20
C ILE B 107 9.75 -11.50 22.92
N GLN B 108 9.62 -11.03 21.68
CA GLN B 108 8.44 -10.33 21.26
C GLN B 108 7.19 -11.22 21.42
N TYR B 109 7.23 -12.46 20.96
CA TYR B 109 6.01 -13.25 20.89
C TYR B 109 5.39 -13.50 22.25
N ASP B 110 6.19 -13.84 23.21
CA ASP B 110 5.73 -13.96 24.56
C ASP B 110 4.92 -12.80 25.08
N ILE B 111 5.38 -11.59 24.83
CA ILE B 111 4.71 -10.36 25.17
C ILE B 111 3.37 -10.27 24.51
N ASP B 112 3.37 -10.60 23.24
CA ASP B 112 2.24 -10.46 22.36
C ASP B 112 1.22 -11.46 22.75
N ARG B 113 1.65 -12.68 22.96
CA ARG B 113 0.84 -13.73 23.55
C ARG B 113 0.09 -13.42 24.84
N VAL B 114 0.76 -12.87 25.82
CA VAL B 114 0.15 -12.46 27.04
C VAL B 114 -0.98 -11.45 26.83
N LEU B 115 -0.83 -10.50 25.93
CA LEU B 115 -1.85 -9.51 25.68
C LEU B 115 -3.12 -10.02 25.04
N CYS B 116 -2.97 -10.80 24.00
CA CYS B 116 -3.97 -11.64 23.36
C CYS B 116 -4.74 -12.45 24.42
N LEU B 117 -4.14 -12.76 25.54
CA LEU B 117 -4.72 -13.54 26.60
C LEU B 117 -5.32 -12.79 27.70
N ILE B 118 -4.74 -11.66 27.97
CA ILE B 118 -5.29 -10.73 28.90
C ILE B 118 -6.56 -10.21 28.29
N LYS B 119 -6.54 -9.86 27.03
CA LYS B 119 -7.70 -9.32 26.37
C LYS B 119 -8.82 -10.32 26.47
N GLU B 120 -8.46 -11.56 26.28
CA GLU B 120 -9.40 -12.64 26.30
C GLU B 120 -10.08 -12.83 27.60
N ALA B 121 -9.40 -12.56 28.68
CA ALA B 121 -9.97 -12.70 29.98
C ALA B 121 -10.84 -11.53 30.31
N ILE B 122 -10.45 -10.34 29.89
CA ILE B 122 -11.27 -9.14 30.03
C ILE B 122 -12.66 -9.41 29.43
N ILE B 123 -12.72 -9.90 28.19
CA ILE B 123 -13.98 -9.92 27.44
C ILE B 123 -14.79 -11.16 27.66
N LYS B 124 -14.25 -12.30 27.21
CA LYS B 124 -15.03 -13.55 27.15
C LYS B 124 -15.35 -14.15 28.52
N ASP B 125 -14.55 -13.81 29.54
CA ASP B 125 -14.73 -14.43 30.85
C ASP B 125 -15.47 -13.52 31.86
N LYS B 133 -7.04 -16.83 36.82
CA LYS B 133 -6.33 -16.23 35.71
C LYS B 133 -5.54 -14.97 36.04
N GLU B 134 -6.09 -14.07 36.82
CA GLU B 134 -5.53 -12.73 36.91
C GLU B 134 -4.07 -12.72 37.31
N SER B 135 -3.79 -13.27 38.47
CA SER B 135 -2.49 -13.19 39.04
C SER B 135 -1.42 -13.83 38.12
N GLU B 136 -1.75 -14.96 37.47
CA GLU B 136 -0.82 -15.66 36.58
C GLU B 136 -0.53 -14.88 35.27
N LEU B 137 -1.57 -14.28 34.69
CA LEU B 137 -1.40 -13.43 33.50
C LEU B 137 -0.57 -12.18 33.81
N LEU B 138 -0.73 -11.64 35.02
CA LEU B 138 0.06 -10.49 35.46
C LEU B 138 1.49 -10.87 35.72
N MET B 139 1.70 -12.06 36.29
CA MET B 139 3.04 -12.59 36.50
C MET B 139 3.73 -12.72 35.13
N ASN B 140 3.07 -13.41 34.21
CA ASN B 140 3.63 -13.70 32.90
C ASN B 140 3.95 -12.43 32.17
N LEU B 141 3.05 -11.45 32.32
CA LEU B 141 3.21 -10.19 31.64
C LEU B 141 4.45 -9.47 32.12
N ASP B 142 4.60 -9.41 33.44
CA ASP B 142 5.81 -8.88 34.07
C ASP B 142 7.05 -9.61 33.62
N SER B 143 6.99 -10.94 33.58
CA SER B 143 8.16 -11.76 33.22
C SER B 143 8.58 -11.49 31.81
N SER B 144 7.60 -11.46 30.93
CA SER B 144 7.89 -11.31 29.51
C SER B 144 8.39 -9.90 29.14
N LEU B 145 7.98 -8.85 29.88
CA LEU B 145 8.57 -7.52 29.74
C LEU B 145 9.98 -7.51 30.26
N LYS B 146 10.19 -8.12 31.41
CA LYS B 146 11.50 -8.17 32.04
C LYS B 146 12.49 -8.85 31.12
N THR B 147 12.07 -9.97 30.58
CA THR B 147 12.90 -10.72 29.64
C THR B 147 13.37 -9.78 28.55
N ARG B 148 12.45 -8.99 27.99
CA ARG B 148 12.83 -8.05 26.95
C ARG B 148 13.79 -6.97 27.44
N GLN B 149 13.60 -6.53 28.68
CA GLN B 149 14.52 -5.59 29.29
C GLN B 149 15.89 -6.15 29.50
N ASN B 150 15.99 -7.41 29.91
CA ASN B 150 17.31 -8.03 30.04
C ASN B 150 17.95 -8.16 28.65
N PHE B 151 17.19 -8.62 27.65
CA PHE B 151 17.72 -8.71 26.29
C PHE B 151 18.23 -7.34 25.79
N ALA B 152 17.46 -6.29 26.04
CA ALA B 152 17.83 -4.93 25.63
C ALA B 152 19.14 -4.47 26.28
N LYS B 153 19.24 -4.71 27.56
CA LYS B 153 20.44 -4.38 28.27
C LYS B 153 21.58 -5.07 27.52
N LYS B 154 21.43 -6.38 27.32
CA LYS B 154 22.47 -7.17 26.68
C LYS B 154 22.79 -6.66 25.30
N LEU B 155 21.76 -6.26 24.56
CA LEU B 155 21.97 -5.75 23.19
C LEU B 155 22.77 -4.45 23.15
N ASN B 156 22.62 -3.61 24.16
CA ASN B 156 23.38 -2.36 24.18
C ASN B 156 24.85 -2.61 24.47
N GLU B 157 25.08 -3.57 25.35
CA GLU B 157 26.40 -4.03 25.72
C GLU B 157 27.14 -4.62 24.52
N THR B 158 26.38 -5.24 23.65
CA THR B 158 26.90 -5.80 22.40
C THR B 158 27.29 -4.72 21.40
N ILE B 159 26.39 -3.75 21.20
CA ILE B 159 26.72 -2.69 20.29
C ILE B 159 27.92 -1.88 20.74
N ASP B 160 28.04 -1.60 22.04
CA ASP B 160 29.25 -0.95 22.55
C ASP B 160 30.48 -1.80 22.38
N ASP B 161 30.39 -3.07 22.74
CA ASP B 161 31.48 -4.03 22.48
C ASP B 161 31.91 -4.07 21.02
N TYR B 162 30.94 -4.03 20.10
CA TYR B 162 31.22 -4.09 18.67
C TYR B 162 31.97 -2.86 18.21
N ASN B 163 31.53 -1.70 18.65
CA ASN B 163 32.20 -0.46 18.28
C ASN B 163 33.64 -0.34 18.81
N LYS B 164 33.89 -0.96 19.96
CA LYS B 164 35.21 -1.02 20.54
C LYS B 164 36.06 -2.16 19.97
N ASP B 165 35.49 -2.96 19.08
CA ASP B 165 36.15 -4.18 18.58
C ASP B 165 36.64 -5.11 19.70
N SER B 166 35.90 -5.18 20.82
CA SER B 166 36.27 -6.04 21.98
C SER B 166 36.29 -7.50 21.64
N LYS B 167 37.42 -8.18 21.90
CA LYS B 167 37.62 -9.58 21.52
C LYS B 167 37.52 -9.68 19.97
N ASN B 168 37.98 -8.63 19.29
CA ASN B 168 38.09 -8.61 17.82
C ASN B 168 36.79 -8.84 17.08
N ILE B 169 35.67 -8.46 17.69
CA ILE B 169 34.35 -8.85 17.14
C ILE B 169 33.97 -8.05 15.91
N GLN B 170 34.62 -6.92 15.67
CA GLN B 170 34.41 -6.17 14.44
C GLN B 170 35.40 -6.57 13.38
N THR B 171 36.54 -7.06 13.83
CA THR B 171 37.64 -7.43 12.99
C THR B 171 37.53 -8.85 12.50
N ASN B 172 36.87 -9.66 13.29
CA ASN B 172 36.87 -11.09 13.07
C ASN B 172 35.47 -11.63 13.15
N VAL B 173 34.93 -11.96 11.99
CA VAL B 173 33.65 -12.63 11.89
C VAL B 173 33.51 -13.90 12.72
N ASP B 174 34.54 -14.74 12.76
CA ASP B 174 34.49 -15.93 13.59
C ASP B 174 34.32 -15.52 15.04
N ALA B 175 35.07 -14.50 15.43
CA ALA B 175 35.04 -14.06 16.81
C ALA B 175 33.65 -13.56 17.05
N LEU B 176 33.13 -12.80 16.08
CA LEU B 176 31.81 -12.24 16.16
C LEU B 176 30.83 -13.33 16.42
N ALA B 177 30.88 -14.39 15.62
CA ALA B 177 29.97 -15.50 15.73
C ALA B 177 30.00 -16.13 17.09
N THR B 178 31.18 -16.29 17.65
CA THR B 178 31.27 -16.95 18.94
C THR B 178 30.62 -16.04 20.03
N TYR B 179 30.83 -14.72 19.95
CA TYR B 179 30.27 -13.76 20.90
C TYR B 179 28.75 -13.75 20.85
N MET B 180 28.19 -13.70 19.66
CA MET B 180 26.73 -13.76 19.53
C MET B 180 26.20 -15.06 20.12
N LYS B 181 26.94 -16.17 19.87
CA LYS B 181 26.52 -17.50 20.36
C LYS B 181 26.49 -17.55 21.87
N GLU B 182 27.53 -16.99 22.46
CA GLU B 182 27.69 -17.05 23.92
C GLU B 182 26.87 -15.95 24.73
N ASN B 183 26.38 -14.91 24.06
CA ASN B 183 25.58 -13.94 24.71
C ASN B 183 24.06 -14.00 24.33
N TYR B 184 23.71 -14.83 23.39
CA TYR B 184 22.33 -14.99 23.00
C TYR B 184 22.01 -16.48 22.83
N LYS B 185 22.35 -17.27 23.80
CA LYS B 185 22.25 -18.73 23.73
C LYS B 185 20.80 -19.20 23.50
N THR B 186 19.92 -18.69 24.32
CA THR B 186 18.52 -19.12 24.40
C THR B 186 17.69 -17.99 25.02
N LEU B 187 16.46 -17.94 24.60
CA LEU B 187 15.42 -17.10 25.22
C LEU B 187 15.46 -17.17 26.75
N ASP B 188 15.48 -18.39 27.28
CA ASP B 188 15.39 -18.67 28.74
C ASP B 188 16.45 -17.98 29.54
N SER B 189 17.58 -17.71 28.91
CA SER B 189 18.67 -17.05 29.60
C SER B 189 18.38 -15.59 29.90
N PHE B 190 17.43 -14.99 29.22
CA PHE B 190 17.07 -13.63 29.49
C PHE B 190 15.92 -13.49 30.46
N LYS B 191 15.31 -14.58 30.84
CA LYS B 191 14.17 -14.54 31.79
C LYS B 191 14.64 -14.24 33.18
N PRO B 192 13.79 -13.59 34.00
CA PRO B 192 14.12 -13.39 35.42
C PRO B 192 14.05 -14.63 36.25
N ILE B 193 14.54 -14.54 37.47
CA ILE B 193 14.42 -15.68 38.38
C ILE B 193 13.47 -15.35 39.50
N ALA C 10 -20.26 29.56 16.46
CA ALA C 10 -19.61 29.27 15.12
C ALA C 10 -19.93 30.33 14.04
N SER C 11 -19.01 30.62 13.15
CA SER C 11 -19.35 31.44 12.03
C SER C 11 -19.89 30.55 10.89
N LYS C 12 -20.74 31.11 10.07
CA LYS C 12 -21.18 30.45 8.87
C LYS C 12 -20.00 29.79 8.07
N LEU C 13 -18.88 30.49 7.89
CA LEU C 13 -17.77 29.96 7.14
C LEU C 13 -17.20 28.75 7.92
N GLU C 14 -17.10 28.88 9.25
CA GLU C 14 -16.63 27.77 10.08
C GLU C 14 -17.54 26.53 9.96
N THR C 15 -18.83 26.75 9.93
CA THR C 15 -19.76 25.66 9.66
C THR C 15 -19.72 25.10 8.24
N ALA C 16 -19.53 25.99 7.27
CA ALA C 16 -19.42 25.59 5.86
C ALA C 16 -18.22 24.71 5.70
N ALA C 17 -17.07 25.12 6.23
CA ALA C 17 -15.88 24.25 6.21
C ALA C 17 -16.09 22.90 6.94
N LYS C 18 -16.76 22.88 8.08
CA LYS C 18 -16.94 21.61 8.83
C LYS C 18 -17.78 20.66 8.01
N ASN C 19 -18.90 21.14 7.48
CA ASN C 19 -19.82 20.27 6.77
C ASN C 19 -19.19 19.77 5.50
N LEU C 20 -18.37 20.60 4.84
CA LEU C 20 -17.61 20.16 3.66
C LEU C 20 -16.56 19.13 4.03
N GLU C 21 -15.83 19.41 5.10
CA GLU C 21 -14.78 18.48 5.56
C GLU C 21 -15.32 17.08 5.87
N ASN C 22 -16.47 16.99 6.53
CA ASN C 22 -17.09 15.71 6.88
C ASN C 22 -17.69 15.05 5.62
N GLN C 23 -18.12 15.88 4.70
CA GLN C 23 -18.67 15.38 3.48
C GLN C 23 -17.52 14.78 2.67
N ASN C 24 -16.42 15.51 2.56
CA ASN C 24 -15.18 14.99 1.94
C ASN C 24 -14.80 13.65 2.50
N LYS C 25 -14.71 13.54 3.81
CA LYS C 25 -14.20 12.34 4.46
C LYS C 25 -15.04 11.12 4.13
N GLN C 26 -16.35 11.27 4.25
CA GLN C 26 -17.26 10.23 3.93
C GLN C 26 -17.06 9.77 2.48
N GLU C 27 -16.85 10.69 1.55
CA GLU C 27 -16.58 10.36 0.15
C GLU C 27 -15.31 9.52 0.00
N TYR C 28 -14.23 9.96 0.65
CA TYR C 28 -12.97 9.19 0.64
C TYR C 28 -13.17 7.74 1.06
N ILE C 29 -13.86 7.56 2.16
CA ILE C 29 -14.14 6.28 2.74
C ILE C 29 -14.93 5.44 1.71
N LYS C 30 -16.03 5.98 1.24
CA LYS C 30 -16.92 5.25 0.33
C LYS C 30 -16.24 4.88 -0.94
N ILE C 31 -15.46 5.81 -1.46
CA ILE C 31 -14.77 5.58 -2.71
C ILE C 31 -13.83 4.43 -2.58
N ASN C 32 -13.06 4.45 -1.51
CA ASN C 32 -12.05 3.41 -1.25
C ASN C 32 -12.68 2.06 -1.06
N GLU C 33 -13.87 2.04 -0.48
CA GLU C 33 -14.61 0.79 -0.32
C GLU C 33 -14.89 0.15 -1.64
N ILE C 34 -15.67 0.87 -2.43
CA ILE C 34 -15.99 0.48 -3.79
C ILE C 34 -14.78 0.02 -4.60
N ASP C 35 -13.71 0.83 -4.57
CA ASP C 35 -12.50 0.53 -5.31
C ASP C 35 -11.72 -0.65 -4.78
N ALA C 36 -11.90 -0.98 -3.51
CA ALA C 36 -11.19 -2.11 -2.91
C ALA C 36 -11.59 -3.43 -3.59
N GLN C 37 -12.77 -3.42 -4.20
CA GLN C 37 -13.33 -4.58 -4.87
C GLN C 37 -12.88 -4.76 -6.32
N GLY C 38 -11.74 -4.17 -6.70
CA GLY C 38 -11.08 -4.48 -7.97
C GLY C 38 -11.60 -3.78 -9.22
N ILE C 39 -12.75 -3.09 -9.11
CA ILE C 39 -13.31 -2.29 -10.23
C ILE C 39 -12.34 -1.11 -10.44
N ASN C 40 -11.78 -1.09 -11.62
CA ASN C 40 -10.64 -0.28 -11.90
C ASN C 40 -11.12 0.81 -12.80
N PHE C 41 -11.82 1.74 -12.19
CA PHE C 41 -12.66 2.64 -12.92
C PHE C 41 -11.90 3.40 -14.00
N LEU C 42 -10.71 3.88 -13.71
CA LEU C 42 -9.98 4.68 -14.68
C LEU C 42 -8.76 3.97 -15.23
N ALA C 43 -8.74 2.65 -15.21
CA ALA C 43 -7.54 1.91 -15.59
C ALA C 43 -7.03 2.35 -16.94
N THR C 44 -7.90 2.30 -17.91
CA THR C 44 -7.60 2.69 -19.26
C THR C 44 -6.92 4.11 -19.35
N PHE C 45 -7.32 5.05 -18.50
CA PHE C 45 -6.70 6.38 -18.48
C PHE C 45 -5.35 6.40 -17.78
N LYS C 46 -5.22 5.51 -16.80
CA LYS C 46 -3.99 5.29 -16.09
C LYS C 46 -2.94 4.74 -17.03
N ALA C 47 -3.35 3.84 -17.91
CA ALA C 47 -2.41 3.19 -18.81
C ALA C 47 -1.91 4.15 -19.90
N ASP C 48 -2.51 5.34 -19.98
CA ASP C 48 -2.20 6.32 -21.02
C ASP C 48 -0.90 7.07 -20.76
N GLU C 49 0.01 7.01 -21.73
CA GLU C 49 1.32 7.63 -21.61
C GLU C 49 1.31 9.11 -22.02
N LYS C 50 0.39 9.49 -22.89
CA LYS C 50 0.26 10.89 -23.32
C LYS C 50 0.07 11.83 -22.14
N ASP C 51 -0.97 11.57 -21.33
CA ASP C 51 -1.22 12.35 -20.12
C ASP C 51 -1.09 11.47 -18.88
N ASN C 52 -0.80 12.11 -17.74
CA ASN C 52 -0.61 11.38 -16.51
C ASN C 52 -1.68 11.71 -15.49
N LEU C 53 -2.50 10.73 -15.23
CA LEU C 53 -3.43 10.79 -14.17
C LEU C 53 -2.75 10.44 -12.83
N SER C 54 -2.43 11.45 -12.04
CA SER C 54 -1.95 11.23 -10.70
C SER C 54 -3.04 10.66 -9.83
N GLN C 55 -2.63 10.04 -8.74
CA GLN C 55 -3.57 9.42 -7.80
C GLN C 55 -4.52 10.44 -7.16
N TYR C 56 -4.07 11.68 -7.08
CA TYR C 56 -4.92 12.75 -6.56
C TYR C 56 -6.00 13.17 -7.58
N GLU C 57 -5.54 13.45 -8.82
CA GLU C 57 -6.41 13.70 -9.94
C GLU C 57 -7.50 12.65 -9.96
N GLU C 58 -7.09 11.38 -9.94
CA GLU C 58 -8.00 10.25 -9.93
C GLU C 58 -9.06 10.32 -8.85
N MET C 59 -8.63 10.62 -7.64
CA MET C 59 -9.53 10.64 -6.47
C MET C 59 -10.56 11.73 -6.63
N GLN C 60 -10.10 12.90 -7.11
CA GLN C 60 -11.01 14.02 -7.35
C GLN C 60 -12.04 13.65 -8.38
N ILE C 61 -11.61 13.09 -9.49
CA ILE C 61 -12.56 12.67 -10.51
C ILE C 61 -13.61 11.76 -9.90
N LYS C 62 -13.18 10.76 -9.15
CA LYS C 62 -14.10 9.78 -8.48
C LYS C 62 -15.02 10.37 -7.43
N ARG C 63 -14.53 11.36 -6.70
CA ARG C 63 -15.43 12.11 -5.81
C ARG C 63 -16.64 12.58 -6.50
N THR C 64 -16.48 13.22 -7.64
CA THR C 64 -17.66 13.78 -8.35
C THR C 64 -18.51 12.64 -8.89
N ILE C 65 -17.85 11.70 -9.55
CA ILE C 65 -18.57 10.67 -10.32
C ILE C 65 -19.35 9.77 -9.39
N TYR C 66 -18.62 9.23 -8.42
CA TYR C 66 -19.15 8.22 -7.49
C TYR C 66 -20.25 8.81 -6.62
N SER C 67 -20.06 10.04 -6.18
CA SER C 67 -21.11 10.72 -5.42
C SER C 67 -22.28 10.96 -6.28
N SER C 68 -22.02 11.27 -7.54
CA SER C 68 -23.08 11.52 -8.52
C SER C 68 -23.93 10.28 -8.78
N LEU C 69 -23.31 9.14 -8.81
CA LEU C 69 -23.98 7.89 -9.12
C LEU C 69 -24.31 7.12 -7.86
N ASN C 70 -24.28 7.81 -6.74
CA ASN C 70 -24.66 7.21 -5.49
C ASN C 70 -23.86 5.98 -5.06
N TYR C 71 -22.66 5.81 -5.61
CA TYR C 71 -21.77 4.77 -5.19
C TYR C 71 -22.32 3.42 -5.55
N GLU C 72 -23.14 3.40 -6.58
CA GLU C 72 -23.68 2.15 -7.15
C GLU C 72 -22.71 1.60 -8.17
N LYS C 73 -21.99 0.56 -7.78
CA LYS C 73 -21.03 -0.09 -8.64
C LYS C 73 -21.51 -0.32 -10.08
N GLN C 74 -22.76 -0.74 -10.22
CA GLN C 74 -23.26 -1.07 -11.55
C GLN C 74 -23.18 0.15 -12.43
N LYS C 75 -23.76 1.23 -11.95
CA LYS C 75 -23.73 2.51 -12.64
C LYS C 75 -22.29 2.99 -13.00
N ILE C 76 -21.35 2.80 -12.09
CA ILE C 76 -19.98 3.21 -12.32
C ILE C 76 -19.33 2.36 -13.37
N ASN C 77 -19.66 1.09 -13.35
CA ASN C 77 -19.17 0.21 -14.40
C ASN C 77 -19.71 0.59 -15.77
N THR C 78 -20.98 0.96 -15.82
CA THR C 78 -21.60 1.38 -17.06
C THR C 78 -20.90 2.61 -17.64
N LEU C 79 -20.60 3.56 -16.75
CA LEU C 79 -19.91 4.78 -17.16
C LEU C 79 -18.51 4.45 -17.63
N LYS C 80 -17.91 3.47 -16.97
CA LYS C 80 -16.64 2.95 -17.40
C LYS C 80 -16.70 2.41 -18.84
N GLU C 81 -17.74 1.66 -19.14
CA GLU C 81 -17.86 1.12 -20.47
C GLU C 81 -17.93 2.30 -21.45
N ILE C 82 -18.82 3.23 -21.14
CA ILE C 82 -19.03 4.37 -21.98
C ILE C 82 -17.68 4.97 -22.34
N LEU C 83 -16.91 5.24 -21.32
CA LEU C 83 -15.70 6.00 -21.52
C LEU C 83 -14.65 5.16 -22.24
N GLU C 84 -14.63 3.86 -21.98
CA GLU C 84 -13.70 2.98 -22.66
C GLU C 84 -14.04 2.70 -24.10
N THR C 85 -15.33 2.64 -24.41
CA THR C 85 -15.77 2.62 -25.78
C THR C 85 -15.23 3.84 -26.52
N LEU C 86 -15.48 5.03 -25.97
CA LEU C 86 -15.05 6.26 -26.60
C LEU C 86 -13.52 6.34 -26.74
N TYR C 87 -12.80 5.97 -25.67
CA TYR C 87 -11.34 5.95 -25.65
C TYR C 87 -10.75 5.01 -26.70
N ASN C 88 -11.35 3.82 -26.85
CA ASN C 88 -10.83 2.86 -27.81
C ASN C 88 -11.11 3.21 -29.25
N LYS C 89 -11.91 4.22 -29.50
CA LYS C 89 -12.08 4.72 -30.86
C LYS C 89 -11.31 6.00 -31.05
N LEU C 90 -10.16 5.92 -31.73
CA LEU C 90 -9.27 7.07 -31.90
C LEU C 90 -10.06 8.31 -32.22
N GLN C 91 -10.95 8.22 -33.19
CA GLN C 91 -11.79 9.36 -33.60
C GLN C 91 -12.37 10.13 -32.38
N HIS C 92 -12.87 9.38 -31.39
CA HIS C 92 -13.57 9.93 -30.23
C HIS C 92 -12.82 9.87 -28.89
N ARG C 93 -11.60 9.39 -28.88
CA ARG C 93 -10.85 9.36 -27.65
C ARG C 93 -10.98 10.67 -26.90
N TYR C 94 -10.79 11.78 -27.61
CA TYR C 94 -10.69 13.11 -26.97
C TYR C 94 -11.92 13.48 -26.15
N THR C 95 -13.06 13.02 -26.59
CA THR C 95 -14.30 13.25 -25.92
C THR C 95 -14.34 12.57 -24.53
N SER C 96 -13.72 11.39 -24.41
CA SER C 96 -13.61 10.75 -23.11
C SER C 96 -12.70 11.56 -22.22
N LYS C 97 -11.57 11.97 -22.77
CA LYS C 97 -10.63 12.78 -22.02
C LYS C 97 -11.24 14.09 -21.58
N GLU C 98 -11.93 14.78 -22.50
CA GLU C 98 -12.56 16.06 -22.18
C GLU C 98 -13.62 15.92 -21.11
N PHE C 99 -14.46 14.90 -21.21
CA PHE C 99 -15.40 14.57 -20.13
C PHE C 99 -14.71 14.45 -18.75
N ILE C 100 -13.57 13.77 -18.73
CA ILE C 100 -12.83 13.46 -17.49
C ILE C 100 -12.04 14.65 -16.99
N TYR C 101 -11.14 15.16 -17.83
CA TYR C 101 -10.24 16.20 -17.39
C TYR C 101 -10.84 17.59 -17.48
N GLN C 102 -11.76 17.83 -18.40
CA GLN C 102 -12.33 19.19 -18.50
C GLN C 102 -13.62 19.43 -17.81
N ILE C 103 -14.49 18.44 -17.77
CA ILE C 103 -15.79 18.63 -17.15
C ILE C 103 -15.82 18.13 -15.71
N VAL C 104 -15.54 16.85 -15.50
CA VAL C 104 -15.68 16.24 -14.19
C VAL C 104 -14.70 16.88 -13.22
N ALA C 105 -13.46 17.04 -13.65
CA ALA C 105 -12.38 17.53 -12.81
C ALA C 105 -12.57 18.99 -12.44
N SER C 106 -13.22 19.75 -13.30
CA SER C 106 -13.44 21.18 -13.07
C SER C 106 -14.60 21.40 -12.10
N ILE C 107 -15.60 20.57 -12.24
CA ILE C 107 -16.69 20.57 -11.31
C ILE C 107 -16.11 20.33 -9.92
N GLN C 108 -15.27 19.31 -9.79
CA GLN C 108 -14.64 19.02 -8.52
C GLN C 108 -13.75 20.14 -8.09
N TYR C 109 -12.90 20.62 -9.00
CA TYR C 109 -11.89 21.58 -8.60
C TYR C 109 -12.52 22.79 -7.98
N ASP C 110 -13.58 23.25 -8.54
CA ASP C 110 -14.19 24.39 -8.02
C ASP C 110 -14.64 24.22 -6.63
N ILE C 111 -15.05 23.03 -6.26
CA ILE C 111 -15.53 22.76 -4.94
C ILE C 111 -14.38 22.82 -3.98
N ASP C 112 -13.27 22.22 -4.40
CA ASP C 112 -12.05 22.19 -3.64
C ASP C 112 -11.40 23.52 -3.51
N ARG C 113 -11.28 24.22 -4.63
CA ARG C 113 -10.80 25.57 -4.66
C ARG C 113 -11.42 26.49 -3.67
N VAL C 114 -12.73 26.61 -3.64
CA VAL C 114 -13.39 27.48 -2.69
C VAL C 114 -13.28 27.05 -1.24
N LEU C 115 -12.91 25.83 -0.96
CA LEU C 115 -12.74 25.39 0.40
C LEU C 115 -11.35 25.71 0.88
N CYS C 116 -10.38 25.70 -0.01
CA CYS C 116 -9.03 26.09 0.27
C CYS C 116 -9.13 27.60 0.61
N LEU C 117 -10.12 28.29 0.07
CA LEU C 117 -10.31 29.75 0.19
C LEU C 117 -11.18 30.24 1.33
N ILE C 118 -12.13 29.43 1.71
CA ILE C 118 -12.88 29.58 2.92
C ILE C 118 -11.99 29.31 4.10
N LYS C 119 -11.16 28.28 4.05
CA LYS C 119 -10.22 28.02 5.09
C LYS C 119 -9.24 29.10 5.28
N GLU C 120 -8.87 29.79 4.21
CA GLU C 120 -8.01 30.95 4.23
C GLU C 120 -8.55 32.09 5.01
N ALA C 121 -9.83 32.33 4.85
CA ALA C 121 -10.60 33.41 5.54
C ALA C 121 -10.80 33.15 7.02
N ILE C 122 -11.16 31.91 7.33
CA ILE C 122 -11.26 31.51 8.70
C ILE C 122 -9.97 31.89 9.41
N ILE C 123 -8.85 31.51 8.84
CA ILE C 123 -7.56 31.71 9.51
C ILE C 123 -7.09 33.14 9.25
N LYS C 133 -15.36 39.25 2.17
CA LYS C 133 -15.26 37.86 1.71
C LYS C 133 -16.45 36.90 1.96
N GLU C 134 -17.10 36.99 3.11
CA GLU C 134 -18.00 35.92 3.53
C GLU C 134 -19.10 35.59 2.51
N SER C 135 -19.89 36.57 2.14
CA SER C 135 -21.04 36.34 1.29
C SER C 135 -20.59 35.71 -0.01
N GLU C 136 -19.52 36.21 -0.59
CA GLU C 136 -19.13 35.80 -1.90
C GLU C 136 -18.64 34.36 -1.91
N LEU C 137 -17.89 33.99 -0.88
CA LEU C 137 -17.41 32.62 -0.75
C LEU C 137 -18.58 31.66 -0.55
N LEU C 138 -19.59 32.09 0.18
CA LEU C 138 -20.77 31.27 0.43
C LEU C 138 -21.61 31.15 -0.83
N MET C 139 -21.70 32.25 -1.56
CA MET C 139 -22.28 32.25 -2.91
C MET C 139 -21.60 31.20 -3.82
N ASN C 140 -20.29 31.34 -3.95
CA ASN C 140 -19.55 30.48 -4.81
C ASN C 140 -19.73 29.04 -4.41
N LEU C 141 -19.77 28.80 -3.08
CA LEU C 141 -19.75 27.47 -2.54
C LEU C 141 -21.03 26.85 -2.93
N ASP C 142 -22.11 27.62 -2.76
CA ASP C 142 -23.46 27.17 -3.13
C ASP C 142 -23.55 26.85 -4.65
N SER C 143 -22.99 27.75 -5.46
CA SER C 143 -23.09 27.58 -6.89
C SER C 143 -22.29 26.35 -7.32
N SER C 144 -21.11 26.15 -6.74
CA SER C 144 -20.28 25.05 -7.13
C SER C 144 -20.86 23.70 -6.71
N LEU C 145 -21.59 23.65 -5.60
CA LEU C 145 -22.29 22.38 -5.19
C LEU C 145 -23.49 22.11 -6.10
N LYS C 146 -24.24 23.16 -6.41
CA LYS C 146 -25.37 23.04 -7.34
C LYS C 146 -24.91 22.52 -8.69
N THR C 147 -23.83 23.12 -9.21
CA THR C 147 -23.26 22.70 -10.49
C THR C 147 -23.05 21.21 -10.48
N ARG C 148 -22.43 20.72 -9.41
CA ARG C 148 -22.21 19.28 -9.29
C ARG C 148 -23.54 18.48 -9.22
N GLN C 149 -24.54 19.03 -8.54
CA GLN C 149 -25.84 18.41 -8.49
C GLN C 149 -26.52 18.40 -9.83
N ASN C 150 -26.41 19.49 -10.60
CA ASN C 150 -26.92 19.43 -11.97
C ASN C 150 -26.14 18.38 -12.79
N PHE C 151 -24.81 18.33 -12.67
CA PHE C 151 -24.06 17.34 -13.43
C PHE C 151 -24.51 15.94 -13.06
N ALA C 152 -24.71 15.70 -11.78
CA ALA C 152 -25.12 14.37 -11.28
C ALA C 152 -26.48 13.96 -11.86
N LYS C 153 -27.41 14.91 -11.84
CA LYS C 153 -28.71 14.63 -12.37
C LYS C 153 -28.48 14.21 -13.80
N LYS C 154 -27.74 15.02 -14.55
CA LYS C 154 -27.49 14.71 -15.98
C LYS C 154 -26.85 13.37 -16.16
N LEU C 155 -25.93 13.02 -15.29
CA LEU C 155 -25.16 11.76 -15.43
C LEU C 155 -26.06 10.56 -15.23
N ASN C 156 -27.09 10.70 -14.40
CA ASN C 156 -27.98 9.57 -14.15
C ASN C 156 -28.88 9.35 -15.33
N GLU C 157 -29.28 10.46 -15.93
CA GLU C 157 -30.05 10.43 -17.14
C GLU C 157 -29.25 9.73 -18.27
N THR C 158 -27.94 9.93 -18.28
CA THR C 158 -27.15 9.33 -19.33
C THR C 158 -26.98 7.82 -19.11
N ILE C 159 -26.73 7.41 -17.87
CA ILE C 159 -26.66 5.96 -17.53
C ILE C 159 -27.95 5.21 -17.88
N ASP C 160 -29.09 5.76 -17.51
CA ASP C 160 -30.37 5.20 -17.95
C ASP C 160 -30.55 5.17 -19.48
N ASP C 161 -30.29 6.30 -20.14
CA ASP C 161 -30.36 6.37 -21.60
C ASP C 161 -29.49 5.29 -22.24
N TYR C 162 -28.32 5.07 -21.66
CA TYR C 162 -27.38 4.14 -22.22
C TYR C 162 -28.00 2.75 -22.10
N ASN C 163 -28.54 2.43 -20.96
CA ASN C 163 -29.07 1.08 -20.73
C ASN C 163 -30.28 0.78 -21.59
N LYS C 164 -31.01 1.82 -21.95
CA LYS C 164 -32.10 1.69 -22.88
C LYS C 164 -31.65 1.74 -24.36
N ASP C 165 -30.35 1.95 -24.62
CA ASP C 165 -29.85 2.21 -25.99
C ASP C 165 -30.57 3.33 -26.73
N SER C 166 -31.01 4.36 -26.00
CA SER C 166 -31.72 5.50 -26.58
C SER C 166 -30.89 6.25 -27.60
N LYS C 167 -31.43 6.42 -28.81
CA LYS C 167 -30.70 7.04 -29.93
C LYS C 167 -29.43 6.17 -30.21
N ASN C 168 -29.57 4.85 -30.04
CA ASN C 168 -28.52 3.89 -30.40
C ASN C 168 -27.18 4.09 -29.69
N ILE C 169 -27.22 4.71 -28.51
CA ILE C 169 -25.98 5.15 -27.85
C ILE C 169 -25.15 3.99 -27.26
N GLN C 170 -25.76 2.82 -27.08
CA GLN C 170 -25.01 1.63 -26.69
C GLN C 170 -24.55 0.81 -27.90
N THR C 171 -25.27 0.94 -29.00
CA THR C 171 -25.00 0.22 -30.22
C THR C 171 -24.04 0.95 -31.13
N ASN C 172 -24.01 2.27 -31.01
CA ASN C 172 -23.31 3.10 -31.98
C ASN C 172 -22.39 4.10 -31.29
N VAL C 173 -21.09 3.84 -31.34
CA VAL C 173 -20.08 4.76 -30.78
C VAL C 173 -20.21 6.18 -31.30
N ASP C 174 -20.45 6.33 -32.60
CA ASP C 174 -20.60 7.65 -33.17
C ASP C 174 -21.79 8.35 -32.55
N ALA C 175 -22.87 7.61 -32.38
CA ALA C 175 -24.07 8.16 -31.77
C ALA C 175 -23.69 8.53 -30.34
N LEU C 176 -23.01 7.61 -29.67
CA LEU C 176 -22.57 7.84 -28.32
C LEU C 176 -21.79 9.14 -28.21
N ALA C 177 -20.81 9.31 -29.09
CA ALA C 177 -19.95 10.49 -29.09
C ALA C 177 -20.74 11.77 -29.21
N THR C 178 -21.75 11.76 -30.08
CA THR C 178 -22.52 13.00 -30.26
C THR C 178 -23.32 13.32 -28.99
N TYR C 179 -23.89 12.31 -28.34
CA TYR C 179 -24.67 12.59 -27.12
C TYR C 179 -23.82 13.09 -25.97
N MET C 180 -22.64 12.49 -25.79
CA MET C 180 -21.74 13.00 -24.77
C MET C 180 -21.33 14.44 -25.08
N LYS C 181 -21.10 14.74 -26.35
CA LYS C 181 -20.75 16.09 -26.77
C LYS C 181 -21.86 17.10 -26.47
N GLU C 182 -23.10 16.72 -26.76
CA GLU C 182 -24.25 17.62 -26.59
C GLU C 182 -24.74 17.80 -25.15
N ASN C 183 -24.42 16.85 -24.28
CA ASN C 183 -24.91 16.91 -22.91
C ASN C 183 -23.82 17.27 -21.92
N TYR C 184 -22.58 17.37 -22.39
CA TYR C 184 -21.49 17.77 -21.53
C TYR C 184 -20.60 18.75 -22.27
N LYS C 185 -21.23 19.77 -22.87
CA LYS C 185 -20.55 20.73 -23.73
C LYS C 185 -19.49 21.49 -22.96
N THR C 186 -19.91 21.97 -21.81
CA THR C 186 -19.16 22.96 -21.06
C THR C 186 -19.54 22.89 -19.57
N LEU C 187 -18.55 23.09 -18.70
CA LEU C 187 -18.77 23.28 -17.26
C LEU C 187 -19.92 24.26 -16.98
N ASP C 188 -19.85 25.40 -17.67
CA ASP C 188 -20.79 26.51 -17.47
C ASP C 188 -22.25 26.12 -17.66
N SER C 189 -22.50 25.10 -18.47
CA SER C 189 -23.85 24.67 -18.75
C SER C 189 -24.49 24.02 -17.54
N PHE C 190 -23.68 23.49 -16.62
CA PHE C 190 -24.22 22.89 -15.41
C PHE C 190 -24.39 23.86 -14.25
N LYS C 191 -23.91 25.09 -14.41
CA LYS C 191 -24.04 26.11 -13.36
C LYS C 191 -25.47 26.60 -13.28
N PRO C 192 -25.89 27.04 -12.09
CA PRO C 192 -27.22 27.64 -11.98
C PRO C 192 -27.29 29.02 -12.67
N ILE C 193 -28.50 29.49 -12.98
CA ILE C 193 -28.65 30.76 -13.75
C ILE C 193 -28.80 32.03 -12.89
N ALA D 10 5.14 11.38 -14.75
CA ALA D 10 5.13 11.80 -13.32
C ALA D 10 6.06 12.99 -13.13
N SER D 11 5.50 14.11 -12.66
CA SER D 11 6.21 15.41 -12.58
C SER D 11 6.50 15.90 -11.16
N LYS D 12 7.45 16.82 -11.04
CA LYS D 12 7.79 17.35 -9.73
C LYS D 12 6.59 17.77 -8.87
N LEU D 13 5.70 18.54 -9.46
CA LEU D 13 4.56 19.09 -8.73
C LEU D 13 3.62 17.98 -8.37
N GLU D 14 3.46 17.06 -9.31
CA GLU D 14 2.72 15.85 -9.04
C GLU D 14 3.30 15.05 -7.83
N THR D 15 4.61 14.87 -7.81
CA THR D 15 5.26 14.11 -6.74
C THR D 15 5.22 14.88 -5.43
N ALA D 16 5.35 16.21 -5.53
CA ALA D 16 5.19 17.07 -4.35
C ALA D 16 3.79 16.93 -3.71
N ALA D 17 2.74 17.06 -4.50
CA ALA D 17 1.39 16.86 -4.00
C ALA D 17 1.17 15.46 -3.39
N LYS D 18 1.74 14.43 -3.99
CA LYS D 18 1.55 13.05 -3.55
C LYS D 18 2.19 12.83 -2.18
N ASN D 19 3.44 13.28 -2.05
CA ASN D 19 4.13 13.15 -0.80
C ASN D 19 3.45 13.96 0.31
N LEU D 20 2.95 15.15 -0.01
CA LEU D 20 2.25 15.95 0.99
C LEU D 20 0.97 15.29 1.40
N GLU D 21 0.22 14.84 0.40
CA GLU D 21 -1.05 14.15 0.60
C GLU D 21 -0.90 13.00 1.62
N ASN D 22 0.16 12.18 1.46
CA ASN D 22 0.38 11.01 2.33
C ASN D 22 0.82 11.49 3.68
N GLN D 23 1.58 12.58 3.68
CA GLN D 23 2.07 13.12 4.95
C GLN D 23 0.89 13.60 5.74
N ASN D 24 0.06 14.42 5.09
CA ASN D 24 -1.20 14.87 5.68
C ASN D 24 -2.04 13.76 6.29
N LYS D 25 -2.32 12.72 5.53
CA LYS D 25 -3.16 11.62 5.99
C LYS D 25 -2.61 10.96 7.25
N GLN D 26 -1.32 10.67 7.24
CA GLN D 26 -0.68 10.05 8.35
C GLN D 26 -0.78 10.91 9.63
N GLU D 27 -0.70 12.21 9.48
CA GLU D 27 -0.97 13.14 10.58
C GLU D 27 -2.41 12.99 11.11
N TYR D 28 -3.38 13.00 10.22
CA TYR D 28 -4.80 12.89 10.59
C TYR D 28 -5.03 11.64 11.47
N ILE D 29 -4.49 10.51 11.03
CA ILE D 29 -4.66 9.26 11.74
C ILE D 29 -3.95 9.32 13.08
N LYS D 30 -2.69 9.73 13.09
CA LYS D 30 -1.96 9.83 14.34
C LYS D 30 -2.64 10.76 15.36
N ILE D 31 -3.09 11.91 14.90
CA ILE D 31 -3.65 12.88 15.76
C ILE D 31 -4.84 12.32 16.44
N ASN D 32 -5.69 11.70 15.64
CA ASN D 32 -6.95 11.12 16.12
C ASN D 32 -6.74 9.99 17.11
N GLU D 33 -5.67 9.21 16.89
CA GLU D 33 -5.28 8.19 17.79
C GLU D 33 -4.96 8.77 19.14
N ILE D 34 -3.97 9.64 19.21
CA ILE D 34 -3.60 10.37 20.45
C ILE D 34 -4.77 10.99 21.18
N ASP D 35 -5.59 11.72 20.44
CA ASP D 35 -6.79 12.37 20.98
C ASP D 35 -7.88 11.40 21.45
N ALA D 36 -7.93 10.20 20.89
CA ALA D 36 -8.94 9.21 21.29
C ALA D 36 -8.80 8.82 22.76
N GLN D 37 -7.60 9.01 23.30
CA GLN D 37 -7.26 8.68 24.69
C GLN D 37 -7.56 9.82 25.71
N GLY D 38 -8.48 10.71 25.36
CA GLY D 38 -9.03 11.66 26.34
C GLY D 38 -8.19 12.89 26.71
N ILE D 39 -6.96 12.96 26.22
CA ILE D 39 -6.18 14.21 26.28
C ILE D 39 -6.92 15.30 25.49
N ASN D 40 -7.41 16.34 26.17
CA ASN D 40 -8.23 17.35 25.48
C ASN D 40 -7.29 18.55 25.37
N PHE D 41 -6.39 18.46 24.41
CA PHE D 41 -5.28 19.41 24.29
C PHE D 41 -5.72 20.88 24.27
N LEU D 42 -6.78 21.20 23.55
CA LEU D 42 -7.23 22.57 23.50
C LEU D 42 -8.57 22.81 24.22
N ALA D 43 -8.90 21.98 25.21
CA ALA D 43 -10.19 22.10 25.89
C ALA D 43 -10.46 23.52 26.35
N THR D 44 -9.50 24.07 27.08
CA THR D 44 -9.60 25.44 27.60
C THR D 44 -9.95 26.48 26.53
N PHE D 45 -9.37 26.32 25.34
CA PHE D 45 -9.66 27.24 24.24
C PHE D 45 -11.03 26.98 23.62
N LYS D 46 -11.46 25.72 23.66
CA LYS D 46 -12.77 25.31 23.23
C LYS D 46 -13.87 25.90 24.10
N ALA D 47 -13.61 25.96 25.39
CA ALA D 47 -14.60 26.50 26.33
C ALA D 47 -14.75 28.00 26.22
N ASP D 48 -13.87 28.64 25.44
CA ASP D 48 -13.85 30.10 25.27
C ASP D 48 -14.96 30.62 24.33
N GLU D 49 -15.81 31.50 24.84
CA GLU D 49 -16.93 32.09 24.07
C GLU D 49 -16.51 33.29 23.20
N LYS D 50 -15.50 34.03 23.65
CA LYS D 50 -15.01 35.17 22.89
C LYS D 50 -14.59 34.79 21.48
N ASP D 51 -13.70 33.82 21.39
CA ASP D 51 -13.25 33.30 20.10
C ASP D 51 -13.78 31.93 19.94
N ASN D 52 -14.11 31.57 18.73
CA ASN D 52 -14.58 30.23 18.47
C ASN D 52 -13.54 29.41 17.75
N LEU D 53 -12.97 28.45 18.45
CA LEU D 53 -12.16 27.44 17.83
C LEU D 53 -13.04 26.41 17.11
N SER D 54 -13.19 26.56 15.82
CA SER D 54 -13.82 25.51 15.05
C SER D 54 -13.00 24.21 15.10
N GLN D 55 -13.66 23.12 14.78
CA GLN D 55 -13.01 21.84 14.64
C GLN D 55 -11.83 21.82 13.59
N TYR D 56 -11.92 22.65 12.55
CA TYR D 56 -10.91 22.71 11.50
C TYR D 56 -9.68 23.45 12.04
N GLU D 57 -9.93 24.62 12.60
CA GLU D 57 -8.90 25.39 13.28
C GLU D 57 -8.11 24.51 14.23
N GLU D 58 -8.83 23.81 15.09
CA GLU D 58 -8.26 22.87 16.04
C GLU D 58 -7.36 21.80 15.42
N MET D 59 -7.81 21.23 14.33
CA MET D 59 -7.05 20.22 13.68
C MET D 59 -5.74 20.78 13.13
N GLN D 60 -5.84 21.94 12.50
CA GLN D 60 -4.71 22.57 11.86
C GLN D 60 -3.68 22.86 12.91
N ILE D 61 -4.13 23.45 14.01
CA ILE D 61 -3.23 23.68 15.14
C ILE D 61 -2.48 22.43 15.62
N LYS D 62 -3.22 21.34 15.84
CA LYS D 62 -2.65 20.02 16.20
C LYS D 62 -1.69 19.40 15.17
N ARG D 63 -1.95 19.62 13.88
CA ARG D 63 -1.08 19.10 12.86
C ARG D 63 0.35 19.61 13.11
N THR D 64 0.46 20.91 13.31
CA THR D 64 1.77 21.51 13.52
C THR D 64 2.32 21.06 14.86
N ILE D 65 1.52 21.14 15.91
CA ILE D 65 2.03 20.91 17.24
C ILE D 65 2.47 19.47 17.41
N TYR D 66 1.53 18.55 17.16
CA TYR D 66 1.71 17.13 17.44
C TYR D 66 2.83 16.53 16.58
N SER D 67 2.88 16.94 15.32
CA SER D 67 3.99 16.55 14.45
C SER D 67 5.29 17.16 15.00
N SER D 68 5.24 18.37 15.55
CA SER D 68 6.41 19.01 16.11
C SER D 68 6.95 18.31 17.34
N LEU D 69 6.05 17.78 18.14
CA LEU D 69 6.41 17.10 19.36
C LEU D 69 6.37 15.64 19.18
N ASN D 70 6.42 15.19 17.94
CA ASN D 70 6.57 13.77 17.66
C ASN D 70 5.47 12.86 18.21
N TYR D 71 4.31 13.43 18.49
CA TYR D 71 3.14 12.67 18.90
C TYR D 71 3.37 12.06 20.26
N GLU D 72 4.28 12.67 21.02
CA GLU D 72 4.54 12.27 22.39
C GLU D 72 3.56 12.96 23.33
N LYS D 73 2.60 12.18 23.79
CA LYS D 73 1.60 12.65 24.74
C LYS D 73 2.16 13.49 25.91
N GLN D 74 3.26 13.06 26.48
CA GLN D 74 3.78 13.73 27.62
C GLN D 74 4.12 15.19 27.27
N LYS D 75 4.92 15.33 26.21
CA LYS D 75 5.27 16.66 25.68
C LYS D 75 4.03 17.56 25.37
N ILE D 76 2.98 16.97 24.84
CA ILE D 76 1.81 17.71 24.44
C ILE D 76 1.13 18.19 25.67
N ASN D 77 1.13 17.35 26.69
CA ASN D 77 0.52 17.74 27.95
C ASN D 77 1.27 18.87 28.62
N THR D 78 2.59 18.85 28.53
CA THR D 78 3.40 19.95 29.06
C THR D 78 3.09 21.27 28.37
N LEU D 79 2.95 21.19 27.03
CA LEU D 79 2.60 22.36 26.28
C LEU D 79 1.23 22.86 26.65
N LYS D 80 0.32 21.92 26.86
CA LYS D 80 -0.97 22.22 27.38
C LYS D 80 -0.89 23.03 28.68
N GLU D 81 -0.04 22.60 29.59
CA GLU D 81 0.04 23.29 30.87
C GLU D 81 0.54 24.72 30.67
N ILE D 82 1.60 24.85 29.90
CA ILE D 82 2.12 26.16 29.53
C ILE D 82 1.03 27.08 29.05
N LEU D 83 0.24 26.59 28.10
CA LEU D 83 -0.76 27.44 27.48
C LEU D 83 -1.92 27.74 28.42
N GLU D 84 -2.28 26.78 29.28
CA GLU D 84 -3.36 27.00 30.25
C GLU D 84 -2.94 27.92 31.39
N THR D 85 -1.69 27.84 31.81
CA THR D 85 -1.20 28.75 32.79
C THR D 85 -1.39 30.16 32.22
N LEU D 86 -0.92 30.39 30.98
CA LEU D 86 -0.93 31.72 30.39
C LEU D 86 -2.35 32.20 30.20
N TYR D 87 -3.20 31.30 29.71
CA TYR D 87 -4.63 31.58 29.54
C TYR D 87 -5.30 31.95 30.87
N ASN D 88 -5.00 31.22 31.93
CA ASN D 88 -5.64 31.48 33.23
C ASN D 88 -5.12 32.67 34.01
N LYS D 89 -4.09 33.32 33.47
CA LYS D 89 -3.77 34.69 33.91
C LYS D 89 -4.22 35.74 32.92
N LEU D 90 -5.30 36.41 33.24
CA LEU D 90 -5.88 37.45 32.37
C LEU D 90 -4.80 38.30 31.69
N GLN D 91 -3.87 38.84 32.46
CA GLN D 91 -2.82 39.70 31.90
C GLN D 91 -2.21 39.07 30.62
N HIS D 92 -1.99 37.75 30.65
CA HIS D 92 -1.22 37.07 29.63
C HIS D 92 -2.06 36.18 28.73
N ARG D 93 -3.37 36.14 28.94
CA ARG D 93 -4.20 35.31 28.13
C ARG D 93 -3.89 35.45 26.65
N TYR D 94 -3.75 36.69 26.21
CA TYR D 94 -3.54 36.98 24.78
C TYR D 94 -2.33 36.29 24.17
N THR D 95 -1.31 36.14 24.98
CA THR D 95 -0.09 35.49 24.57
C THR D 95 -0.30 33.99 24.22
N SER D 96 -1.18 33.32 24.96
CA SER D 96 -1.56 31.96 24.59
C SER D 96 -2.33 31.94 23.27
N LYS D 97 -3.28 32.84 23.14
CA LYS D 97 -4.07 32.94 21.93
C LYS D 97 -3.20 33.27 20.74
N GLU D 98 -2.31 34.26 20.89
CA GLU D 98 -1.41 34.62 19.77
C GLU D 98 -0.52 33.44 19.36
N PHE D 99 0.08 32.75 20.34
CA PHE D 99 0.85 31.53 20.03
C PHE D 99 0.05 30.55 19.18
N ILE D 100 -1.21 30.38 19.54
CA ILE D 100 -2.11 29.42 18.89
C ILE D 100 -2.61 29.89 17.55
N TYR D 101 -3.32 31.02 17.56
CA TYR D 101 -3.96 31.50 16.35
C TYR D 101 -2.99 32.19 15.42
N GLN D 102 -1.97 32.86 15.94
CA GLN D 102 -1.09 33.67 15.10
C GLN D 102 0.19 33.01 14.62
N ILE D 103 0.78 32.21 15.46
CA ILE D 103 2.02 31.54 15.08
C ILE D 103 1.80 30.11 14.59
N VAL D 104 1.19 29.29 15.41
CA VAL D 104 1.01 27.89 15.07
C VAL D 104 0.10 27.71 13.84
N ALA D 105 -1.00 28.43 13.81
CA ALA D 105 -1.98 28.32 12.76
C ALA D 105 -1.48 28.88 11.41
N SER D 106 -0.57 29.83 11.46
CA SER D 106 -0.01 30.46 10.26
C SER D 106 1.06 29.59 9.64
N ILE D 107 1.82 28.96 10.51
CA ILE D 107 2.79 28.01 10.06
C ILE D 107 2.04 26.94 9.25
N GLN D 108 0.96 26.46 9.80
CA GLN D 108 0.21 25.45 9.11
C GLN D 108 -0.40 26.01 7.84
N TYR D 109 -1.03 27.14 7.89
CA TYR D 109 -1.74 27.66 6.76
C TYR D 109 -0.85 27.85 5.56
N ASP D 110 0.40 28.18 5.77
CA ASP D 110 1.31 28.46 4.71
C ASP D 110 1.54 27.23 3.90
N ILE D 111 1.75 26.10 4.55
CA ILE D 111 1.88 24.79 3.96
C ILE D 111 0.70 24.35 3.17
N ASP D 112 -0.47 24.61 3.70
CA ASP D 112 -1.72 24.32 3.08
C ASP D 112 -1.97 25.15 1.87
N ARG D 113 -1.82 26.46 1.96
CA ARG D 113 -1.93 27.36 0.84
C ARG D 113 -1.19 26.98 -0.41
N VAL D 114 0.05 26.63 -0.26
CA VAL D 114 0.93 26.13 -1.31
C VAL D 114 0.47 24.86 -1.96
N LEU D 115 -0.15 23.98 -1.20
CA LEU D 115 -0.57 22.71 -1.72
C LEU D 115 -1.86 22.83 -2.42
N CYS D 116 -2.63 23.80 -2.01
CA CYS D 116 -3.86 24.16 -2.62
C CYS D 116 -3.54 24.79 -3.95
N LEU D 117 -2.40 25.41 -4.04
CA LEU D 117 -1.98 26.12 -5.20
C LEU D 117 -1.23 25.32 -6.21
N ILE D 118 -0.51 24.35 -5.72
CA ILE D 118 0.11 23.31 -6.49
C ILE D 118 -0.94 22.45 -7.11
N LYS D 119 -1.96 22.11 -6.38
CA LYS D 119 -2.98 21.26 -6.88
C LYS D 119 -3.57 21.91 -8.08
N GLU D 120 -3.70 23.21 -8.00
CA GLU D 120 -4.33 24.04 -8.99
C GLU D 120 -3.60 24.12 -10.29
N ALA D 121 -2.31 23.98 -10.21
CA ALA D 121 -1.48 23.95 -11.36
C ALA D 121 -1.52 22.62 -12.04
N ILE D 122 -1.56 21.58 -11.26
CA ILE D 122 -1.62 20.27 -11.78
C ILE D 122 -2.88 20.15 -12.57
N ILE D 123 -3.96 20.58 -11.99
CA ILE D 123 -5.27 20.33 -12.58
C ILE D 123 -5.67 21.32 -13.66
N LYS D 124 -5.78 22.59 -13.30
CA LYS D 124 -6.30 23.60 -14.20
C LYS D 124 -5.35 24.06 -15.32
N ASP D 125 -4.02 23.99 -15.09
CA ASP D 125 -3.04 24.62 -15.99
C ASP D 125 -2.22 23.69 -16.88
N GLN D 132 6.80 27.06 -15.57
CA GLN D 132 6.56 28.46 -15.24
C GLN D 132 6.43 28.62 -13.73
N LYS D 133 5.20 28.45 -13.22
CA LYS D 133 4.83 28.37 -11.77
C LYS D 133 5.65 27.39 -10.94
N GLU D 134 6.23 26.41 -11.61
CA GLU D 134 6.81 25.29 -10.91
C GLU D 134 7.85 25.65 -9.86
N SER D 135 8.91 26.33 -10.28
CA SER D 135 10.04 26.62 -9.38
C SER D 135 9.59 27.38 -8.12
N GLU D 136 8.72 28.36 -8.30
CA GLU D 136 8.30 29.21 -7.22
C GLU D 136 7.46 28.46 -6.20
N LEU D 137 6.55 27.62 -6.69
CA LEU D 137 5.72 26.83 -5.81
C LEU D 137 6.56 25.84 -5.03
N LEU D 138 7.58 25.29 -5.68
CA LEU D 138 8.46 24.32 -5.01
C LEU D 138 9.29 25.01 -3.96
N MET D 139 9.76 26.20 -4.28
CA MET D 139 10.53 26.96 -3.32
C MET D 139 9.66 27.30 -2.13
N ASN D 140 8.49 27.85 -2.38
CA ASN D 140 7.56 28.16 -1.30
C ASN D 140 7.24 26.95 -0.44
N LEU D 141 7.07 25.81 -1.09
CA LEU D 141 6.71 24.61 -0.39
C LEU D 141 7.82 24.24 0.55
N ASP D 142 9.03 24.31 0.02
CA ASP D 142 10.23 24.03 0.79
C ASP D 142 10.33 24.97 1.97
N SER D 143 10.10 26.24 1.71
CA SER D 143 10.22 27.22 2.74
C SER D 143 9.24 26.97 3.86
N SER D 144 8.03 26.66 3.48
CA SER D 144 6.99 26.51 4.43
C SER D 144 7.07 25.24 5.26
N LEU D 145 7.63 24.18 4.70
CA LEU D 145 8.01 22.99 5.51
C LEU D 145 9.16 23.27 6.46
N LYS D 146 10.20 23.93 5.96
CA LYS D 146 11.38 24.30 6.75
C LYS D 146 10.92 25.16 7.95
N THR D 147 10.06 26.13 7.67
CA THR D 147 9.53 27.02 8.72
C THR D 147 8.96 26.17 9.86
N ARG D 148 8.15 25.18 9.49
CA ARG D 148 7.52 24.33 10.47
C ARG D 148 8.52 23.47 11.21
N GLN D 149 9.55 23.03 10.49
CA GLN D 149 10.69 22.35 11.13
C GLN D 149 11.43 23.25 12.16
N ASN D 150 11.67 24.51 11.81
CA ASN D 150 12.34 25.41 12.74
C ASN D 150 11.47 25.68 13.94
N PHE D 151 10.19 25.85 13.72
CA PHE D 151 9.27 25.99 14.86
C PHE D 151 9.29 24.76 15.76
N ALA D 152 9.30 23.57 15.16
CA ALA D 152 9.34 22.30 15.88
C ALA D 152 10.65 22.15 16.72
N LYS D 153 11.77 22.52 16.12
CA LYS D 153 13.00 22.56 16.83
C LYS D 153 12.82 23.46 18.07
N LYS D 154 12.38 24.70 17.84
CA LYS D 154 12.19 25.66 18.90
C LYS D 154 11.23 25.13 19.96
N LEU D 155 10.16 24.47 19.53
CA LEU D 155 9.17 23.96 20.48
C LEU D 155 9.72 22.87 21.41
N ASN D 156 10.65 22.06 20.92
CA ASN D 156 11.24 21.02 21.75
C ASN D 156 12.20 21.59 22.79
N GLU D 157 12.93 22.61 22.36
CA GLU D 157 13.77 23.39 23.25
C GLU D 157 12.94 24.02 24.39
N THR D 158 11.73 24.43 24.07
CA THR D 158 10.88 25.12 25.02
C THR D 158 10.37 24.13 26.04
N ILE D 159 9.92 22.96 25.58
CA ILE D 159 9.47 21.90 26.48
C ILE D 159 10.57 21.51 27.46
N ASP D 160 11.79 21.31 26.95
CA ASP D 160 12.93 21.03 27.82
C ASP D 160 13.20 22.16 28.82
N ASP D 161 13.27 23.39 28.32
CA ASP D 161 13.49 24.56 29.15
C ASP D 161 12.44 24.65 30.25
N TYR D 162 11.20 24.34 29.91
CA TYR D 162 10.12 24.43 30.88
C TYR D 162 10.36 23.42 31.96
N ASN D 163 10.71 22.19 31.58
CA ASN D 163 10.91 21.16 32.58
C ASN D 163 12.10 21.45 33.52
N LYS D 164 13.08 22.15 33.01
CA LYS D 164 14.20 22.53 33.86
C LYS D 164 13.91 23.81 34.66
N ASP D 165 12.74 24.41 34.46
CA ASP D 165 12.42 25.73 35.05
C ASP D 165 13.48 26.79 34.73
N SER D 166 14.07 26.72 33.52
CA SER D 166 15.06 27.69 33.07
C SER D 166 14.50 29.10 33.07
N LYS D 167 15.15 30.01 33.78
CA LYS D 167 14.68 31.38 33.88
C LYS D 167 13.32 31.42 34.57
N ASN D 168 13.14 30.51 35.51
CA ASN D 168 11.95 30.44 36.33
C ASN D 168 10.63 30.32 35.53
N ILE D 169 10.73 29.74 34.34
CA ILE D 169 9.62 29.72 33.41
C ILE D 169 8.45 28.80 33.85
N GLN D 170 8.72 27.85 34.73
CA GLN D 170 7.68 27.00 35.29
C GLN D 170 7.14 27.52 36.58
N THR D 171 7.97 28.27 37.29
CA THR D 171 7.63 28.78 38.61
C THR D 171 7.02 30.14 38.50
N ASN D 172 7.30 30.85 37.40
CA ASN D 172 6.87 32.25 37.26
C ASN D 172 6.16 32.47 35.92
N VAL D 173 4.86 32.60 36.00
CA VAL D 173 4.03 32.94 34.85
C VAL D 173 4.46 34.19 34.09
N ASP D 174 4.84 35.24 34.81
CA ASP D 174 5.34 36.43 34.15
C ASP D 174 6.60 36.11 33.37
N ALA D 175 7.47 35.31 33.98
CA ALA D 175 8.71 34.92 33.31
C ALA D 175 8.29 34.13 32.11
N LEU D 176 7.33 33.23 32.30
CA LEU D 176 6.86 32.40 31.22
C LEU D 176 6.41 33.24 30.06
N ALA D 177 5.57 34.22 30.35
CA ALA D 177 5.01 35.09 29.34
C ALA D 177 6.11 35.75 28.52
N THR D 178 7.17 36.18 29.19
CA THR D 178 8.18 36.87 28.48
C THR D 178 8.89 35.93 27.53
N TYR D 179 9.17 34.72 28.00
CA TYR D 179 9.88 33.72 27.20
C TYR D 179 9.10 33.37 25.93
N MET D 180 7.79 33.16 26.09
CA MET D 180 6.98 32.84 24.96
C MET D 180 6.99 34.01 23.99
N LYS D 181 6.95 35.22 24.52
CA LYS D 181 6.99 36.44 23.68
C LYS D 181 8.30 36.53 22.90
N GLU D 182 9.43 36.24 23.54
CA GLU D 182 10.72 36.34 22.92
C GLU D 182 11.08 35.22 21.93
N ASN D 183 10.44 34.07 22.06
CA ASN D 183 10.83 32.93 21.26
C ASN D 183 9.77 32.58 20.23
N TYR D 184 8.65 33.29 20.27
CA TYR D 184 7.64 33.11 19.25
C TYR D 184 7.10 34.47 18.79
N LYS D 185 8.01 35.39 18.47
CA LYS D 185 7.69 36.78 18.20
C LYS D 185 6.82 36.89 17.02
N THR D 186 7.25 36.17 15.97
CA THR D 186 6.72 36.33 14.66
C THR D 186 6.91 35.00 13.87
N LEU D 187 5.93 34.67 13.04
CA LEU D 187 6.06 33.64 12.01
C LEU D 187 7.40 33.75 11.24
N ASP D 188 7.70 34.96 10.78
CA ASP D 188 8.84 35.20 9.89
C ASP D 188 10.16 34.74 10.49
N SER D 189 10.22 34.73 11.81
CA SER D 189 11.45 34.42 12.50
C SER D 189 11.75 32.96 12.33
N PHE D 190 10.75 32.15 12.06
CA PHE D 190 10.98 30.71 11.84
C PHE D 190 11.30 30.34 10.40
N LYS D 191 11.18 31.30 9.49
CA LYS D 191 11.48 31.04 8.09
C LYS D 191 12.97 30.89 7.89
N PRO D 192 13.40 30.09 6.91
CA PRO D 192 14.80 30.08 6.53
C PRO D 192 15.29 31.40 5.88
N ILE D 193 16.60 31.61 5.90
CA ILE D 193 17.21 32.80 5.30
C ILE D 193 18.10 32.28 4.20
N ASN D 194 18.24 33.04 3.11
CA ASN D 194 18.52 32.43 1.79
C ASN D 194 19.85 32.76 1.10
N LEU E 13 12.34 -2.03 -38.24
CA LEU E 13 12.94 -2.94 -37.22
C LEU E 13 12.93 -2.40 -35.78
N GLU E 14 13.26 -1.12 -35.65
CA GLU E 14 13.21 -0.46 -34.35
C GLU E 14 11.79 -0.48 -33.73
N THR E 15 10.76 -0.20 -34.53
CA THR E 15 9.38 -0.30 -34.03
C THR E 15 8.96 -1.73 -33.77
N ALA E 16 9.44 -2.65 -34.59
CA ALA E 16 9.14 -4.07 -34.39
C ALA E 16 9.69 -4.56 -33.07
N ALA E 17 10.96 -4.29 -32.79
CA ALA E 17 11.52 -4.61 -31.49
C ALA E 17 10.78 -3.97 -30.29
N LYS E 18 10.37 -2.72 -30.45
CA LYS E 18 9.67 -2.00 -29.36
C LYS E 18 8.34 -2.66 -29.01
N ASN E 19 7.54 -2.92 -30.04
CA ASN E 19 6.23 -3.51 -29.87
C ASN E 19 6.34 -4.94 -29.29
N LEU E 20 7.37 -5.69 -29.71
CA LEU E 20 7.60 -7.02 -29.16
C LEU E 20 8.04 -6.97 -27.71
N GLU E 21 8.97 -6.07 -27.43
CA GLU E 21 9.46 -5.88 -26.08
C GLU E 21 8.33 -5.61 -25.08
N ASN E 22 7.40 -4.71 -25.45
CA ASN E 22 6.27 -4.34 -24.56
C ASN E 22 5.28 -5.51 -24.46
N GLN E 23 5.13 -6.26 -25.55
CA GLN E 23 4.24 -7.41 -25.54
C GLN E 23 4.81 -8.44 -24.55
N ASN E 24 6.09 -8.72 -24.70
CA ASN E 24 6.80 -9.60 -23.77
C ASN E 24 6.59 -9.24 -22.30
N LYS E 25 6.86 -7.99 -21.94
CA LYS E 25 6.78 -7.56 -20.53
C LYS E 25 5.37 -7.77 -19.92
N GLN E 26 4.34 -7.38 -20.67
CA GLN E 26 2.96 -7.60 -20.23
C GLN E 26 2.64 -9.06 -19.97
N GLU E 27 3.16 -9.94 -20.81
CA GLU E 27 2.98 -11.38 -20.61
C GLU E 27 3.60 -11.83 -19.29
N TYR E 28 4.84 -11.42 -19.05
CA TYR E 28 5.54 -11.78 -17.82
C TYR E 28 4.72 -11.42 -16.59
N ILE E 29 4.21 -10.20 -16.55
CA ILE E 29 3.42 -9.76 -15.41
C ILE E 29 2.13 -10.59 -15.27
N LYS E 30 1.39 -10.73 -16.37
CA LYS E 30 0.14 -11.48 -16.32
C LYS E 30 0.34 -12.92 -15.88
N ILE E 31 1.36 -13.55 -16.44
CA ILE E 31 1.65 -14.94 -16.13
C ILE E 31 1.93 -15.14 -14.65
N ASN E 32 2.78 -14.27 -14.11
CA ASN E 32 3.14 -14.31 -12.70
C ASN E 32 1.96 -14.05 -11.77
N GLU E 33 1.05 -13.20 -12.22
CA GLU E 33 -0.17 -12.94 -11.49
C GLU E 33 -1.00 -14.21 -11.34
N ILE E 34 -1.41 -14.79 -12.45
CA ILE E 34 -2.08 -16.09 -12.48
C ILE E 34 -1.41 -17.15 -11.63
N ASP E 35 -0.10 -17.32 -11.81
CA ASP E 35 0.69 -18.33 -11.06
C ASP E 35 0.77 -18.04 -9.56
N ALA E 36 0.66 -16.77 -9.17
CA ALA E 36 0.75 -16.40 -7.76
C ALA E 36 -0.38 -17.03 -6.93
N GLN E 37 -1.48 -17.38 -7.61
CA GLN E 37 -2.66 -18.00 -7.00
C GLN E 37 -2.60 -19.54 -6.88
N GLY E 38 -1.39 -20.13 -6.89
CA GLY E 38 -1.21 -21.54 -6.55
C GLY E 38 -1.48 -22.58 -7.63
N ILE E 39 -2.02 -22.18 -8.78
CA ILE E 39 -2.12 -23.10 -9.96
C ILE E 39 -0.70 -23.49 -10.35
N ASN E 40 -0.37 -24.78 -10.25
CA ASN E 40 1.00 -25.25 -10.60
C ASN E 40 0.87 -25.96 -11.93
N PHE E 41 0.75 -25.15 -12.98
CA PHE E 41 0.38 -25.64 -14.30
C PHE E 41 1.26 -26.81 -14.76
N LEU E 42 2.57 -26.73 -14.56
CA LEU E 42 3.47 -27.77 -15.04
C LEU E 42 4.08 -28.58 -13.90
N ALA E 43 3.43 -28.63 -12.74
CA ALA E 43 3.98 -29.33 -11.57
C ALA E 43 4.44 -30.75 -11.91
N THR E 44 3.55 -31.52 -12.50
CA THR E 44 3.88 -32.89 -12.89
C THR E 44 5.12 -33.02 -13.77
N PHE E 45 5.36 -32.05 -14.65
CA PHE E 45 6.57 -32.04 -15.48
C PHE E 45 7.81 -31.64 -14.68
N LYS E 46 7.60 -30.77 -13.69
CA LYS E 46 8.63 -30.35 -12.76
C LYS E 46 9.10 -31.53 -11.91
N ALA E 47 8.17 -32.37 -11.51
CA ALA E 47 8.51 -33.52 -10.66
C ALA E 47 9.24 -34.62 -11.44
N ASP E 48 9.33 -34.48 -12.76
CA ASP E 48 9.96 -35.49 -13.63
C ASP E 48 11.48 -35.45 -13.56
N GLU E 49 12.06 -36.62 -13.27
CA GLU E 49 13.51 -36.79 -13.15
C GLU E 49 14.19 -37.00 -14.52
N LYS E 50 13.49 -37.60 -15.47
CA LYS E 50 14.03 -37.88 -16.80
C LYS E 50 14.54 -36.61 -17.48
N ASP E 51 13.66 -35.61 -17.59
CA ASP E 51 14.01 -34.30 -18.16
C ASP E 51 13.90 -33.24 -17.09
N ASN E 52 14.66 -32.16 -17.26
CA ASN E 52 14.62 -31.04 -16.31
C ASN E 52 14.06 -29.77 -16.97
N LEU E 53 12.85 -29.44 -16.55
CA LEU E 53 12.20 -28.20 -16.91
C LEU E 53 12.81 -27.06 -16.11
N SER E 54 13.69 -26.28 -16.74
CA SER E 54 14.19 -25.07 -16.10
C SER E 54 13.09 -24.02 -15.97
N GLN E 55 13.33 -23.06 -15.09
CA GLN E 55 12.41 -21.95 -14.88
C GLN E 55 12.20 -21.08 -16.13
N TYR E 56 13.18 -21.06 -17.01
CA TYR E 56 13.04 -20.35 -18.28
C TYR E 56 12.16 -21.09 -19.27
N GLU E 57 12.49 -22.37 -19.46
CA GLU E 57 11.70 -23.27 -20.28
C GLU E 57 10.24 -23.11 -19.90
N GLU E 58 9.97 -23.27 -18.61
CA GLU E 58 8.59 -23.16 -18.09
C GLU E 58 7.92 -21.83 -18.46
N MET E 59 8.65 -20.73 -18.37
CA MET E 59 8.09 -19.40 -18.63
C MET E 59 7.72 -19.27 -20.10
N GLN E 60 8.63 -19.74 -20.96
CA GLN E 60 8.39 -19.70 -22.40
C GLN E 60 7.14 -20.50 -22.76
N ILE E 61 7.06 -21.71 -22.23
CA ILE E 61 5.90 -22.54 -22.46
C ILE E 61 4.62 -21.79 -22.09
N LYS E 62 4.59 -21.21 -20.89
CA LYS E 62 3.45 -20.43 -20.40
C LYS E 62 3.12 -19.19 -21.24
N ARG E 63 4.14 -18.50 -21.75
CA ARG E 63 3.91 -17.35 -22.63
C ARG E 63 3.00 -17.72 -23.78
N THR E 64 3.30 -18.82 -24.47
CA THR E 64 2.48 -19.21 -25.63
C THR E 64 1.15 -19.68 -25.13
N ILE E 65 1.16 -20.54 -24.13
CA ILE E 65 -0.08 -21.13 -23.77
C ILE E 65 -1.08 -20.21 -23.09
N TYR E 66 -0.63 -19.46 -22.08
CA TYR E 66 -1.48 -18.55 -21.33
C TYR E 66 -2.00 -17.43 -22.23
N SER E 67 -1.15 -16.93 -23.11
CA SER E 67 -1.59 -15.90 -24.04
C SER E 67 -2.58 -16.51 -25.00
N SER E 68 -2.36 -17.77 -25.37
CA SER E 68 -3.25 -18.48 -26.27
C SER E 68 -4.64 -18.71 -25.64
N LEU E 69 -4.68 -18.99 -24.34
CA LEU E 69 -5.92 -19.23 -23.63
C LEU E 69 -6.38 -17.98 -22.89
N ASN E 70 -5.89 -16.82 -23.29
CA ASN E 70 -6.40 -15.55 -22.81
C ASN E 70 -6.31 -15.38 -21.30
N TYR E 71 -5.42 -16.16 -20.67
CA TYR E 71 -5.14 -15.95 -19.26
C TYR E 71 -6.34 -16.37 -18.40
N GLU E 72 -7.18 -17.24 -18.96
CA GLU E 72 -8.34 -17.80 -18.27
C GLU E 72 -7.97 -19.05 -17.47
N LYS E 73 -7.86 -18.89 -16.15
CA LYS E 73 -7.51 -20.00 -15.26
C LYS E 73 -8.24 -21.30 -15.53
N GLN E 74 -9.54 -21.23 -15.85
CA GLN E 74 -10.33 -22.45 -16.05
C GLN E 74 -9.73 -23.22 -17.21
N LYS E 75 -9.58 -22.53 -18.35
CA LYS E 75 -8.98 -23.11 -19.55
C LYS E 75 -7.58 -23.71 -19.32
N ILE E 76 -6.74 -23.02 -18.57
CA ILE E 76 -5.37 -23.51 -18.31
C ILE E 76 -5.40 -24.73 -17.39
N ASN E 77 -6.34 -24.76 -16.45
CA ASN E 77 -6.56 -25.95 -15.64
C ASN E 77 -7.04 -27.16 -16.45
N THR E 78 -7.93 -26.93 -17.41
CA THR E 78 -8.38 -27.99 -18.31
C THR E 78 -7.24 -28.60 -19.13
N LEU E 79 -6.40 -27.71 -19.63
CA LEU E 79 -5.26 -28.13 -20.41
C LEU E 79 -4.33 -28.94 -19.51
N LYS E 80 -4.22 -28.49 -18.26
CA LYS E 80 -3.43 -29.21 -17.25
C LYS E 80 -3.94 -30.65 -17.06
N GLU E 81 -5.25 -30.80 -16.96
CA GLU E 81 -5.81 -32.12 -16.84
C GLU E 81 -5.51 -32.96 -18.09
N ILE E 82 -5.76 -32.41 -19.27
CA ILE E 82 -5.39 -33.08 -20.53
C ILE E 82 -3.97 -33.62 -20.49
N LEU E 83 -3.03 -32.74 -20.17
CA LEU E 83 -1.63 -33.13 -20.19
C LEU E 83 -1.27 -34.14 -19.11
N GLU E 84 -1.88 -34.01 -17.93
CA GLU E 84 -1.63 -34.92 -16.82
C GLU E 84 -2.27 -36.28 -17.02
N THR E 85 -3.42 -36.32 -17.68
CA THR E 85 -4.00 -37.57 -18.08
C THR E 85 -3.00 -38.28 -18.96
N LEU E 86 -2.52 -37.60 -19.99
CA LEU E 86 -1.63 -38.21 -20.98
C LEU E 86 -0.31 -38.66 -20.30
N TYR E 87 0.22 -37.80 -19.43
CA TYR E 87 1.46 -38.08 -18.69
C TYR E 87 1.33 -39.29 -17.80
N ASN E 88 0.22 -39.41 -17.10
CA ASN E 88 0.02 -40.52 -16.19
C ASN E 88 -0.25 -41.85 -16.85
N LYS E 89 -0.44 -41.84 -18.16
CA LYS E 89 -0.55 -43.09 -18.91
C LYS E 89 0.73 -43.30 -19.64
N LEU E 90 1.54 -44.18 -19.07
CA LEU E 90 2.89 -44.49 -19.60
C LEU E 90 2.90 -44.54 -21.15
N GLN E 91 1.98 -45.30 -21.70
CA GLN E 91 1.77 -45.41 -23.15
C GLN E 91 1.84 -44.06 -23.92
N HIS E 92 1.18 -43.05 -23.37
CA HIS E 92 1.03 -41.76 -24.01
C HIS E 92 1.81 -40.61 -23.38
N ARG E 93 2.60 -40.89 -22.35
CA ARG E 93 3.38 -39.83 -21.71
C ARG E 93 4.08 -38.96 -22.75
N TYR E 94 4.71 -39.60 -23.74
CA TYR E 94 5.54 -38.88 -24.71
C TYR E 94 4.80 -37.81 -25.46
N THR E 95 3.53 -38.05 -25.70
CA THR E 95 2.68 -37.12 -26.41
C THR E 95 2.50 -35.83 -25.62
N SER E 96 2.41 -35.93 -24.30
CA SER E 96 2.34 -34.71 -23.50
C SER E 96 3.67 -33.97 -23.50
N LYS E 97 4.77 -34.70 -23.40
CA LYS E 97 6.11 -34.11 -23.54
C LYS E 97 6.36 -33.47 -24.90
N GLU E 98 6.02 -34.18 -25.98
CA GLU E 98 6.14 -33.62 -27.32
C GLU E 98 5.31 -32.34 -27.52
N PHE E 99 4.05 -32.37 -27.12
CA PHE E 99 3.23 -31.16 -27.16
C PHE E 99 3.95 -29.97 -26.48
N ILE E 100 4.53 -30.24 -25.32
CA ILE E 100 5.17 -29.22 -24.48
C ILE E 100 6.52 -28.77 -25.03
N TYR E 101 7.45 -29.71 -25.14
CA TYR E 101 8.79 -29.38 -25.53
C TYR E 101 8.94 -29.19 -27.03
N GLN E 102 8.16 -29.89 -27.85
CA GLN E 102 8.36 -29.84 -29.30
C GLN E 102 7.49 -28.86 -30.05
N ILE E 103 6.25 -28.69 -29.60
CA ILE E 103 5.34 -27.81 -30.31
C ILE E 103 5.20 -26.44 -29.66
N VAL E 104 4.80 -26.41 -28.41
CA VAL E 104 4.56 -25.15 -27.73
C VAL E 104 5.86 -24.33 -27.56
N ALA E 105 6.93 -25.00 -27.16
CA ALA E 105 8.21 -24.34 -26.94
C ALA E 105 8.84 -23.82 -28.24
N SER E 106 8.58 -24.48 -29.36
CA SER E 106 9.15 -24.11 -30.65
C SER E 106 8.41 -22.91 -31.24
N ILE E 107 7.10 -22.92 -31.04
CA ILE E 107 6.29 -21.78 -31.43
C ILE E 107 6.82 -20.53 -30.72
N GLN E 108 7.04 -20.65 -29.43
CA GLN E 108 7.64 -19.56 -28.70
C GLN E 108 9.03 -19.23 -29.20
N TYR E 109 9.86 -20.25 -29.35
CA TYR E 109 11.26 -20.00 -29.61
C TYR E 109 11.40 -19.17 -30.89
N ASP E 110 10.56 -19.42 -31.85
CA ASP E 110 10.65 -18.73 -33.11
C ASP E 110 10.31 -17.31 -32.95
N ILE E 111 9.45 -17.00 -32.01
CA ILE E 111 9.03 -15.62 -31.81
C ILE E 111 10.17 -14.90 -31.17
N ASP E 112 10.87 -15.61 -30.32
CA ASP E 112 11.96 -15.06 -29.57
C ASP E 112 13.22 -14.98 -30.38
N ARG E 113 13.48 -15.96 -31.20
CA ARG E 113 14.66 -15.89 -32.01
C ARG E 113 14.68 -14.64 -32.88
N VAL E 114 13.62 -14.40 -33.63
CA VAL E 114 13.63 -13.32 -34.59
C VAL E 114 13.78 -11.98 -33.96
N LEU E 115 13.53 -11.91 -32.68
CA LEU E 115 13.70 -10.70 -31.98
C LEU E 115 15.15 -10.60 -31.66
N CYS E 116 15.74 -11.70 -31.24
CA CYS E 116 17.15 -11.75 -30.86
C CYS E 116 17.96 -11.26 -32.06
N LEU E 117 17.50 -11.61 -33.25
CA LEU E 117 18.16 -11.23 -34.46
C LEU E 117 17.84 -9.83 -34.91
N ILE E 118 16.59 -9.41 -34.72
CA ILE E 118 16.21 -8.06 -35.06
C ILE E 118 17.10 -7.16 -34.26
N LYS E 119 17.24 -7.44 -32.98
CA LYS E 119 18.12 -6.67 -32.15
C LYS E 119 19.49 -6.56 -32.76
N GLU E 120 20.04 -7.67 -33.18
CA GLU E 120 21.39 -7.73 -33.77
C GLU E 120 21.54 -6.74 -34.90
N ALA E 121 20.53 -6.68 -35.76
CA ALA E 121 20.53 -5.76 -36.86
C ALA E 121 20.42 -4.34 -36.31
N GLU E 136 13.23 -9.55 -44.80
CA GLU E 136 13.24 -10.97 -44.41
C GLU E 136 12.96 -11.17 -42.92
N LEU E 137 13.58 -10.35 -42.09
CA LEU E 137 13.34 -10.41 -40.64
C LEU E 137 11.90 -10.04 -40.32
N LEU E 138 11.35 -9.08 -41.05
CA LEU E 138 9.95 -8.68 -40.84
C LEU E 138 9.00 -9.76 -41.29
N MET E 139 9.34 -10.40 -42.40
CA MET E 139 8.61 -11.53 -42.93
C MET E 139 8.57 -12.66 -41.88
N ASN E 140 9.76 -13.05 -41.42
CA ASN E 140 9.89 -14.10 -40.42
C ASN E 140 9.13 -13.78 -39.13
N LEU E 141 9.19 -12.51 -38.74
CA LEU E 141 8.53 -12.06 -37.52
C LEU E 141 7.04 -12.24 -37.65
N ASP E 142 6.53 -11.80 -38.78
CA ASP E 142 5.11 -11.95 -39.11
C ASP E 142 4.68 -13.41 -39.11
N SER E 143 5.48 -14.25 -39.76
CA SER E 143 5.11 -15.65 -39.88
C SER E 143 5.12 -16.33 -38.53
N SER E 144 6.10 -16.01 -37.69
CA SER E 144 6.17 -16.61 -36.38
C SER E 144 5.07 -16.16 -35.40
N LEU E 145 4.59 -14.92 -35.52
CA LEU E 145 3.42 -14.48 -34.75
C LEU E 145 2.12 -15.14 -35.25
N LYS E 146 1.97 -15.21 -36.57
CA LYS E 146 0.82 -15.88 -37.20
C LYS E 146 0.74 -17.36 -36.76
N THR E 147 1.88 -18.02 -36.81
CA THR E 147 1.95 -19.39 -36.35
C THR E 147 1.35 -19.53 -34.96
N ARG E 148 1.79 -18.67 -34.04
CA ARG E 148 1.29 -18.75 -32.68
C ARG E 148 -0.21 -18.49 -32.61
N GLN E 149 -0.69 -17.57 -33.45
CA GLN E 149 -2.13 -17.31 -33.54
C GLN E 149 -2.88 -18.54 -34.03
N ASN E 150 -2.33 -19.23 -35.01
CA ASN E 150 -2.99 -20.44 -35.48
C ASN E 150 -2.99 -21.50 -34.41
N PHE E 151 -1.86 -21.66 -33.71
CA PHE E 151 -1.81 -22.60 -32.59
C PHE E 151 -2.86 -22.26 -31.53
N ALA E 152 -2.97 -20.97 -31.19
CA ALA E 152 -3.92 -20.51 -30.18
C ALA E 152 -5.37 -20.83 -30.58
N LYS E 153 -5.68 -20.54 -31.84
CA LYS E 153 -6.99 -20.85 -32.38
C LYS E 153 -7.23 -22.33 -32.11
N LYS E 154 -6.29 -23.15 -32.57
CA LYS E 154 -6.42 -24.58 -32.42
C LYS E 154 -6.55 -25.00 -30.98
N LEU E 155 -5.79 -24.37 -30.08
CA LEU E 155 -5.84 -24.73 -28.67
C LEU E 155 -7.19 -24.44 -28.00
N ASN E 156 -7.88 -23.41 -28.45
CA ASN E 156 -9.19 -23.11 -27.89
C ASN E 156 -10.25 -24.08 -28.36
N GLU E 157 -10.10 -24.48 -29.61
CA GLU E 157 -10.94 -25.53 -30.20
C GLU E 157 -10.78 -26.82 -29.42
N THR E 158 -9.57 -27.09 -28.99
CA THR E 158 -9.28 -28.30 -28.26
C THR E 158 -9.90 -28.28 -26.85
N ILE E 159 -9.74 -27.17 -26.13
CA ILE E 159 -10.38 -27.02 -24.83
C ILE E 159 -11.91 -27.20 -24.90
N ASP E 160 -12.55 -26.55 -25.86
CA ASP E 160 -14.01 -26.68 -26.05
C ASP E 160 -14.36 -28.12 -26.42
N ASP E 161 -13.62 -28.72 -27.35
CA ASP E 161 -13.81 -30.13 -27.70
C ASP E 161 -13.69 -31.04 -26.47
N TYR E 162 -12.73 -30.77 -25.61
CA TYR E 162 -12.49 -31.61 -24.44
C TYR E 162 -13.66 -31.51 -23.50
N ASN E 163 -14.15 -30.30 -23.26
CA ASN E 163 -15.30 -30.13 -22.36
C ASN E 163 -16.59 -30.78 -22.85
N LYS E 164 -16.73 -30.83 -24.18
CA LYS E 164 -17.88 -31.46 -24.77
C LYS E 164 -17.64 -32.98 -24.93
N ASP E 165 -16.46 -33.50 -24.56
CA ASP E 165 -16.10 -34.92 -24.80
C ASP E 165 -16.28 -35.35 -26.25
N SER E 166 -16.03 -34.43 -27.18
CA SER E 166 -16.09 -34.74 -28.64
C SER E 166 -15.14 -35.84 -29.04
N LYS E 167 -15.66 -36.90 -29.65
CA LYS E 167 -14.83 -38.04 -30.03
C LYS E 167 -14.24 -38.69 -28.79
N ASN E 168 -15.01 -38.63 -27.72
CA ASN E 168 -14.71 -39.32 -26.46
C ASN E 168 -13.38 -38.93 -25.84
N ILE E 169 -12.95 -37.71 -26.15
CA ILE E 169 -11.62 -37.23 -25.82
C ILE E 169 -11.41 -36.97 -24.31
N GLN E 170 -12.50 -36.82 -23.56
CA GLN E 170 -12.42 -36.74 -22.10
C GLN E 170 -12.62 -38.07 -21.43
N THR E 171 -13.34 -38.96 -22.10
CA THR E 171 -13.67 -40.29 -21.54
C THR E 171 -12.63 -41.33 -21.91
N ASN E 172 -11.87 -41.06 -22.97
CA ASN E 172 -10.97 -42.05 -23.51
C ASN E 172 -9.60 -41.43 -23.74
N VAL E 173 -8.66 -41.77 -22.86
CA VAL E 173 -7.27 -41.35 -23.03
C VAL E 173 -6.71 -41.71 -24.41
N ASP E 174 -6.97 -42.91 -24.91
CA ASP E 174 -6.45 -43.32 -26.19
C ASP E 174 -6.99 -42.41 -27.27
N ALA E 175 -8.27 -42.09 -27.18
CA ALA E 175 -8.90 -41.19 -28.12
C ALA E 175 -8.21 -39.88 -27.97
N LEU E 176 -8.05 -39.44 -26.72
CA LEU E 176 -7.38 -38.20 -26.44
C LEU E 176 -6.04 -38.15 -27.18
N ALA E 177 -5.24 -39.20 -27.00
CA ALA E 177 -3.89 -39.26 -27.52
C ALA E 177 -3.90 -39.10 -28.98
N THR E 178 -4.88 -39.71 -29.62
CA THR E 178 -4.96 -39.62 -31.07
C THR E 178 -5.26 -38.20 -31.50
N TYR E 179 -6.17 -37.55 -30.80
CA TYR E 179 -6.58 -36.19 -31.13
C TYR E 179 -5.43 -35.19 -31.01
N MET E 180 -4.70 -35.29 -29.90
CA MET E 180 -3.54 -34.44 -29.71
C MET E 180 -2.52 -34.71 -30.80
N LYS E 181 -2.37 -35.98 -31.19
CA LYS E 181 -1.43 -36.33 -32.26
C LYS E 181 -1.84 -35.71 -33.60
N GLU E 182 -3.11 -35.78 -33.93
CA GLU E 182 -3.63 -35.32 -35.22
C GLU E 182 -3.78 -33.81 -35.36
N ASN E 183 -3.85 -33.11 -34.24
CA ASN E 183 -4.03 -31.67 -34.30
C ASN E 183 -2.77 -30.89 -33.92
N TYR E 184 -1.72 -31.59 -33.50
CA TYR E 184 -0.49 -30.94 -33.16
C TYR E 184 0.65 -31.76 -33.70
N LYS E 185 0.54 -32.12 -34.98
CA LYS E 185 1.47 -33.03 -35.65
C LYS E 185 2.85 -32.46 -35.65
N THR E 186 2.91 -31.22 -36.06
CA THR E 186 4.16 -30.58 -36.41
C THR E 186 4.00 -29.06 -36.28
N LEU E 187 5.06 -28.41 -35.81
CA LEU E 187 5.16 -26.92 -35.82
C LEU E 187 4.72 -26.32 -37.17
N ASP E 188 5.27 -26.92 -38.23
CA ASP E 188 5.07 -26.43 -39.59
C ASP E 188 3.61 -26.35 -40.00
N SER E 189 2.78 -27.17 -39.39
CA SER E 189 1.38 -27.20 -39.73
C SER E 189 0.67 -25.93 -39.28
N PHE E 190 1.22 -25.24 -38.28
CA PHE E 190 0.60 -24.02 -37.80
C PHE E 190 1.08 -22.78 -38.52
N LYS E 191 2.09 -22.94 -39.39
CA LYS E 191 2.61 -21.80 -40.16
C LYS E 191 1.63 -21.38 -41.23
N PRO E 192 1.63 -20.10 -41.61
CA PRO E 192 0.81 -19.66 -42.73
C PRO E 192 1.44 -20.10 -44.06
N ALA F 10 18.87 -29.16 -11.77
CA ALA F 10 20.04 -28.31 -12.15
C ALA F 10 20.81 -29.00 -13.29
N SER F 11 20.48 -28.62 -14.54
CA SER F 11 21.37 -28.84 -15.69
C SER F 11 22.07 -27.53 -16.13
N LYS F 12 23.33 -27.66 -16.54
CA LYS F 12 24.22 -26.48 -16.67
C LYS F 12 23.63 -25.29 -17.44
N LEU F 13 23.20 -25.57 -18.66
CA LEU F 13 22.72 -24.54 -19.55
C LEU F 13 21.42 -23.95 -18.97
N GLU F 14 20.59 -24.84 -18.45
CA GLU F 14 19.36 -24.49 -17.79
C GLU F 14 19.60 -23.52 -16.61
N THR F 15 20.56 -23.86 -15.76
CA THR F 15 20.91 -22.97 -14.64
C THR F 15 21.61 -21.68 -15.09
N ALA F 16 22.41 -21.77 -16.15
CA ALA F 16 23.03 -20.60 -16.72
C ALA F 16 21.97 -19.60 -17.21
N ALA F 17 21.03 -20.07 -18.01
CA ALA F 17 19.95 -19.18 -18.48
C ALA F 17 19.14 -18.58 -17.31
N LYS F 18 18.89 -19.35 -16.28
CA LYS F 18 18.10 -18.90 -15.14
C LYS F 18 18.78 -17.75 -14.39
N ASN F 19 20.04 -17.96 -14.09
CA ASN F 19 20.82 -16.97 -13.36
C ASN F 19 21.00 -15.68 -14.18
N LEU F 20 21.16 -15.82 -15.49
CA LEU F 20 21.24 -14.64 -16.39
C LEU F 20 19.91 -13.90 -16.43
N GLU F 21 18.85 -14.68 -16.57
CA GLU F 21 17.49 -14.14 -16.60
C GLU F 21 17.18 -13.24 -15.40
N ASN F 22 17.54 -13.73 -14.20
CA ASN F 22 17.28 -12.99 -12.94
C ASN F 22 18.22 -11.80 -12.82
N GLN F 23 19.43 -11.95 -13.32
CA GLN F 23 20.37 -10.82 -13.30
C GLN F 23 19.80 -9.72 -14.24
N ASN F 24 19.40 -10.12 -15.46
CA ASN F 24 18.77 -9.20 -16.40
C ASN F 24 17.61 -8.39 -15.80
N LYS F 25 16.65 -9.08 -15.19
CA LYS F 25 15.46 -8.42 -14.61
C LYS F 25 15.81 -7.38 -13.52
N GLN F 26 16.71 -7.74 -12.61
CA GLN F 26 17.16 -6.80 -11.58
C GLN F 26 17.79 -5.53 -12.16
N GLU F 27 18.54 -5.70 -13.25
CA GLU F 27 19.12 -4.55 -13.94
C GLU F 27 18.02 -3.61 -14.47
N TYR F 28 17.00 -4.16 -15.16
CA TYR F 28 15.90 -3.29 -15.70
C TYR F 28 15.34 -2.44 -14.61
N ILE F 29 15.03 -3.08 -13.49
CA ILE F 29 14.34 -2.36 -12.40
C ILE F 29 15.26 -1.27 -11.86
N LYS F 30 16.50 -1.63 -11.55
CA LYS F 30 17.46 -0.68 -10.98
C LYS F 30 17.69 0.49 -11.92
N ILE F 31 17.85 0.19 -13.19
CA ILE F 31 18.12 1.23 -14.19
C ILE F 31 16.99 2.23 -14.25
N ASN F 32 15.77 1.70 -14.31
CA ASN F 32 14.57 2.53 -14.38
C ASN F 32 14.38 3.38 -13.14
N GLU F 33 14.76 2.85 -11.98
CA GLU F 33 14.71 3.59 -10.71
C GLU F 33 15.56 4.85 -10.81
N ILE F 34 16.87 4.65 -10.98
CA ILE F 34 17.87 5.73 -11.15
C ILE F 34 17.41 6.75 -12.23
N ASP F 35 16.95 6.26 -13.39
CA ASP F 35 16.46 7.12 -14.49
C ASP F 35 15.15 7.88 -14.20
N ALA F 36 14.33 7.33 -13.32
CA ALA F 36 13.04 7.96 -13.00
C ALA F 36 13.24 9.34 -12.37
N GLN F 37 14.42 9.55 -11.78
CA GLN F 37 14.79 10.80 -11.13
C GLN F 37 15.33 11.89 -12.07
N GLY F 38 15.05 11.80 -13.37
CA GLY F 38 15.35 12.89 -14.31
C GLY F 38 16.78 12.98 -14.84
N ILE F 39 17.69 12.19 -14.28
CA ILE F 39 19.05 12.06 -14.80
C ILE F 39 18.95 11.49 -16.21
N ASN F 40 19.38 12.29 -17.18
CA ASN F 40 19.15 11.99 -18.56
C ASN F 40 20.49 11.60 -19.15
N PHE F 41 20.91 10.38 -18.81
CA PHE F 41 22.28 9.97 -19.03
C PHE F 41 22.74 10.13 -20.48
N LEU F 42 21.89 9.77 -21.42
CA LEU F 42 22.29 9.77 -22.82
C LEU F 42 21.54 10.85 -23.61
N ALA F 43 21.04 11.88 -22.95
CA ALA F 43 20.21 12.89 -23.63
C ALA F 43 20.90 13.42 -24.87
N THR F 44 22.13 13.88 -24.71
CA THR F 44 22.92 14.39 -25.83
C THR F 44 22.94 13.51 -27.04
N PHE F 45 23.06 12.21 -26.80
CA PHE F 45 23.11 11.26 -27.90
C PHE F 45 21.76 11.04 -28.53
N LYS F 46 20.72 11.18 -27.71
CA LYS F 46 19.35 11.14 -28.18
C LYS F 46 19.02 12.30 -29.06
N ALA F 47 19.55 13.47 -28.71
CA ALA F 47 19.25 14.68 -29.47
C ALA F 47 19.95 14.67 -30.82
N ASP F 48 20.85 13.70 -31.04
CA ASP F 48 21.63 13.59 -32.27
C ASP F 48 20.82 13.04 -33.45
N GLU F 49 20.77 13.80 -34.53
CA GLU F 49 20.01 13.47 -35.75
C GLU F 49 20.82 12.58 -36.70
N LYS F 50 22.15 12.69 -36.67
CA LYS F 50 23.00 11.85 -37.50
C LYS F 50 22.75 10.36 -37.27
N ASP F 51 22.87 9.91 -36.03
CA ASP F 51 22.58 8.52 -35.66
C ASP F 51 21.40 8.45 -34.74
N ASN F 52 20.73 7.29 -34.74
CA ASN F 52 19.52 7.10 -33.95
C ASN F 52 19.71 6.08 -32.84
N LEU F 53 19.76 6.58 -31.61
CA LEU F 53 19.73 5.77 -30.44
C LEU F 53 18.30 5.36 -30.13
N SER F 54 17.94 4.14 -30.50
CA SER F 54 16.64 3.61 -30.10
C SER F 54 16.61 3.39 -28.59
N GLN F 55 15.40 3.27 -28.07
CA GLN F 55 15.17 2.99 -26.65
C GLN F 55 15.81 1.67 -26.19
N TYR F 56 15.93 0.72 -27.11
CA TYR F 56 16.56 -0.57 -26.79
C TYR F 56 18.07 -0.42 -26.70
N GLU F 57 18.65 0.18 -27.73
CA GLU F 57 20.09 0.50 -27.78
C GLU F 57 20.47 1.18 -26.48
N GLU F 58 19.73 2.22 -26.13
CA GLU F 58 19.90 2.94 -24.87
C GLU F 58 19.92 2.08 -23.62
N MET F 59 18.96 1.16 -23.53
CA MET F 59 18.82 0.31 -22.35
C MET F 59 20.04 -0.59 -22.24
N GLN F 60 20.43 -1.16 -23.39
CA GLN F 60 21.55 -2.07 -23.41
C GLN F 60 22.80 -1.34 -22.94
N ILE F 61 23.04 -0.16 -23.51
CA ILE F 61 24.19 0.65 -23.11
C ILE F 61 24.21 0.85 -21.58
N LYS F 62 23.07 1.29 -21.02
CA LYS F 62 22.92 1.45 -19.57
C LYS F 62 23.11 0.19 -18.73
N ARG F 63 22.66 -0.96 -19.22
CA ARG F 63 22.87 -2.22 -18.52
C ARG F 63 24.34 -2.38 -18.18
N THR F 64 25.20 -2.19 -19.17
CA THR F 64 26.62 -2.36 -18.98
C THR F 64 27.20 -1.27 -18.11
N ILE F 65 26.87 -0.02 -18.44
CA ILE F 65 27.45 1.12 -17.73
C ILE F 65 27.02 1.16 -16.26
N TYR F 66 25.71 1.15 -16.02
CA TYR F 66 25.13 1.31 -14.69
C TYR F 66 25.52 0.17 -13.78
N SER F 67 25.51 -1.05 -14.32
CA SER F 67 25.97 -2.21 -13.54
C SER F 67 27.46 -2.06 -13.26
N SER F 68 28.21 -1.51 -14.21
CA SER F 68 29.66 -1.32 -14.07
C SER F 68 29.98 -0.29 -12.98
N LEU F 69 29.15 0.75 -12.89
CA LEU F 69 29.35 1.79 -11.90
C LEU F 69 28.47 1.58 -10.67
N ASN F 70 27.97 0.36 -10.49
CA ASN F 70 27.24 -0.01 -9.29
C ASN F 70 25.99 0.82 -9.02
N TYR F 71 25.44 1.45 -10.05
CA TYR F 71 24.19 2.19 -9.94
C TYR F 71 24.36 3.41 -9.04
N GLU F 72 25.61 3.88 -8.94
CA GLU F 72 25.93 5.09 -8.19
C GLU F 72 25.73 6.33 -9.08
N LYS F 73 24.61 7.03 -8.84
CA LYS F 73 24.25 8.25 -9.56
C LYS F 73 25.43 9.20 -9.79
N GLN F 74 26.27 9.38 -8.77
CA GLN F 74 27.36 10.37 -8.90
C GLN F 74 28.28 9.95 -10.01
N LYS F 75 28.74 8.70 -9.94
CA LYS F 75 29.61 8.11 -10.96
C LYS F 75 29.02 8.19 -12.36
N ILE F 76 27.72 7.91 -12.50
CA ILE F 76 27.09 7.93 -13.83
C ILE F 76 26.98 9.36 -14.34
N ASN F 77 26.78 10.31 -13.45
CA ASN F 77 26.81 11.72 -13.82
C ASN F 77 28.20 12.19 -14.27
N THR F 78 29.25 11.73 -13.58
CA THR F 78 30.61 12.08 -14.01
C THR F 78 30.95 11.50 -15.37
N LEU F 79 30.51 10.27 -15.61
CA LEU F 79 30.72 9.64 -16.92
C LEU F 79 29.94 10.42 -17.98
N LYS F 80 28.76 10.91 -17.62
CA LYS F 80 27.98 11.80 -18.48
C LYS F 80 28.76 13.06 -18.85
N GLU F 81 29.40 13.67 -17.87
CA GLU F 81 30.22 14.84 -18.13
C GLU F 81 31.36 14.49 -19.09
N ILE F 82 32.08 13.42 -18.78
CA ILE F 82 33.14 12.95 -19.63
C ILE F 82 32.68 12.86 -21.08
N LEU F 83 31.57 12.16 -21.29
CA LEU F 83 31.10 11.92 -22.64
C LEU F 83 30.60 13.19 -23.30
N GLU F 84 29.98 14.08 -22.53
CA GLU F 84 29.49 15.35 -23.06
C GLU F 84 30.59 16.35 -23.38
N THR F 85 31.67 16.35 -22.57
CA THR F 85 32.89 17.12 -22.88
C THR F 85 33.36 16.69 -24.25
N LEU F 86 33.53 15.38 -24.42
CA LEU F 86 34.06 14.83 -25.65
C LEU F 86 33.13 15.13 -26.84
N TYR F 87 31.82 14.94 -26.63
CA TYR F 87 30.80 15.19 -27.66
C TYR F 87 30.81 16.65 -28.09
N ASN F 88 30.91 17.56 -27.14
CA ASN F 88 30.85 18.99 -27.46
C ASN F 88 32.10 19.54 -28.11
N LYS F 89 33.15 18.73 -28.17
CA LYS F 89 34.33 19.10 -28.91
C LYS F 89 34.35 18.35 -30.20
N LEU F 90 33.97 19.04 -31.25
CA LEU F 90 33.84 18.44 -32.57
C LEU F 90 35.01 17.46 -32.83
N GLN F 91 36.25 17.91 -32.61
CA GLN F 91 37.44 17.06 -32.86
C GLN F 91 37.29 15.67 -32.27
N HIS F 92 36.74 15.61 -31.06
CA HIS F 92 36.69 14.36 -30.30
C HIS F 92 35.30 13.74 -30.17
N ARG F 93 34.29 14.34 -30.80
CA ARG F 93 32.95 13.77 -30.71
C ARG F 93 32.97 12.27 -30.95
N TYR F 94 33.66 11.85 -32.00
CA TYR F 94 33.65 10.44 -32.42
C TYR F 94 34.09 9.47 -31.33
N THR F 95 35.00 9.91 -30.48
CA THR F 95 35.50 9.09 -29.39
C THR F 95 34.38 8.79 -28.40
N SER F 96 33.47 9.75 -28.16
CA SER F 96 32.31 9.50 -27.30
C SER F 96 31.43 8.46 -27.95
N LYS F 97 31.14 8.67 -29.22
CA LYS F 97 30.29 7.76 -29.94
C LYS F 97 30.89 6.33 -30.00
N GLU F 98 32.19 6.23 -30.31
CA GLU F 98 32.86 4.92 -30.36
C GLU F 98 32.81 4.22 -29.01
N PHE F 99 33.13 4.94 -27.94
CA PHE F 99 32.99 4.39 -26.60
C PHE F 99 31.60 3.79 -26.38
N ILE F 100 30.57 4.51 -26.82
CA ILE F 100 29.17 4.13 -26.62
C ILE F 100 28.72 3.00 -27.54
N TYR F 101 28.79 3.26 -28.85
CA TYR F 101 28.27 2.29 -29.81
C TYR F 101 29.28 1.15 -30.11
N GLN F 102 30.59 1.37 -29.99
CA GLN F 102 31.56 0.32 -30.36
C GLN F 102 32.06 -0.53 -29.22
N ILE F 103 32.24 0.08 -28.06
CA ILE F 103 32.79 -0.65 -26.93
C ILE F 103 31.73 -1.11 -25.94
N VAL F 104 30.97 -0.17 -25.42
CA VAL F 104 29.98 -0.50 -24.40
C VAL F 104 28.90 -1.43 -24.96
N ALA F 105 28.39 -1.10 -26.14
CA ALA F 105 27.30 -1.84 -26.72
C ALA F 105 27.72 -3.26 -27.14
N SER F 106 29.00 -3.44 -27.48
CA SER F 106 29.49 -4.72 -27.95
C SER F 106 29.74 -5.65 -26.77
N ILE F 107 30.23 -5.06 -25.68
CA ILE F 107 30.39 -5.77 -24.44
C ILE F 107 29.02 -6.35 -24.01
N GLN F 108 28.00 -5.51 -24.05
CA GLN F 108 26.63 -5.96 -23.79
C GLN F 108 26.17 -7.01 -24.81
N TYR F 109 26.37 -6.72 -26.09
CA TYR F 109 25.78 -7.57 -27.11
C TYR F 109 26.30 -9.01 -26.98
N ASP F 110 27.59 -9.16 -26.75
CA ASP F 110 28.16 -10.50 -26.59
C ASP F 110 27.40 -11.30 -25.55
N ILE F 111 27.07 -10.66 -24.45
CA ILE F 111 26.45 -11.33 -23.33
C ILE F 111 25.04 -11.69 -23.68
N ASP F 112 24.45 -10.96 -24.59
CA ASP F 112 23.10 -11.25 -24.97
C ASP F 112 23.05 -12.23 -26.10
N ARG F 113 24.05 -12.22 -26.94
CA ARG F 113 24.09 -13.10 -28.06
C ARG F 113 24.27 -14.49 -27.57
N VAL F 114 24.90 -14.63 -26.43
CA VAL F 114 25.24 -15.93 -25.95
C VAL F 114 24.05 -16.57 -25.28
N LEU F 115 23.20 -15.78 -24.69
CA LEU F 115 22.05 -16.31 -23.99
C LEU F 115 20.92 -16.55 -24.92
N CYS F 116 20.93 -15.88 -26.04
CA CYS F 116 19.90 -16.06 -27.01
C CYS F 116 20.11 -17.45 -27.58
N LEU F 117 21.35 -17.88 -27.66
CA LEU F 117 21.70 -19.21 -28.16
C LEU F 117 21.81 -20.30 -27.12
N ILE F 118 22.08 -19.95 -25.87
CA ILE F 118 21.99 -20.90 -24.79
C ILE F 118 20.56 -21.35 -24.76
N LYS F 119 19.65 -20.44 -25.02
CA LYS F 119 18.25 -20.79 -24.99
C LYS F 119 17.87 -21.65 -26.16
N GLU F 120 18.45 -21.37 -27.30
CA GLU F 120 18.21 -22.11 -28.49
C GLU F 120 18.60 -23.56 -28.34
N ALA F 121 19.63 -23.84 -27.56
CA ALA F 121 20.05 -25.21 -27.24
C ALA F 121 19.06 -25.87 -26.28
N ILE F 122 18.67 -25.15 -25.24
CA ILE F 122 17.72 -25.66 -24.27
C ILE F 122 16.46 -26.13 -25.01
N ILE F 123 15.91 -25.26 -25.86
CA ILE F 123 14.57 -25.47 -26.42
C ILE F 123 14.56 -26.35 -27.65
N LYS F 124 15.21 -25.90 -28.71
CA LYS F 124 15.08 -26.55 -30.01
C LYS F 124 15.83 -27.88 -30.12
N ASP F 125 16.88 -28.06 -29.33
CA ASP F 125 17.79 -29.19 -29.54
C ASP F 125 17.55 -30.30 -28.53
N GLU F 136 31.05 -25.19 -25.12
CA GLU F 136 31.50 -23.97 -25.82
C GLU F 136 30.66 -22.75 -25.42
N LEU F 137 29.36 -22.99 -25.26
CA LEU F 137 28.45 -21.95 -24.85
C LEU F 137 28.76 -21.47 -23.44
N LEU F 138 29.15 -22.38 -22.57
CA LEU F 138 29.52 -22.03 -21.20
C LEU F 138 30.82 -21.26 -21.15
N MET F 139 31.77 -21.68 -21.99
CA MET F 139 33.05 -20.97 -22.12
C MET F 139 32.80 -19.54 -22.64
N ASN F 140 32.03 -19.41 -23.72
CA ASN F 140 31.68 -18.10 -24.26
C ASN F 140 30.98 -17.22 -23.24
N LEU F 141 30.07 -17.82 -22.47
CA LEU F 141 29.28 -17.09 -21.49
C LEU F 141 30.19 -16.49 -20.46
N ASP F 142 31.08 -17.34 -19.94
CA ASP F 142 32.03 -16.89 -18.94
C ASP F 142 32.93 -15.79 -19.48
N SER F 143 33.42 -15.96 -20.72
CA SER F 143 34.34 -14.97 -21.27
C SER F 143 33.66 -13.63 -21.48
N SER F 144 32.42 -13.66 -21.94
CA SER F 144 31.69 -12.42 -22.18
C SER F 144 31.28 -11.69 -20.88
N LEU F 145 31.05 -12.41 -19.79
CA LEU F 145 30.87 -11.74 -18.47
C LEU F 145 32.15 -11.18 -17.91
N LYS F 146 33.23 -11.95 -18.01
CA LYS F 146 34.55 -11.47 -17.60
C LYS F 146 34.91 -10.19 -18.32
N THR F 147 34.72 -10.20 -19.64
CA THR F 147 35.01 -9.04 -20.46
C THR F 147 34.31 -7.82 -19.83
N ARG F 148 33.04 -7.96 -19.52
CA ARG F 148 32.31 -6.85 -18.93
C ARG F 148 32.88 -6.45 -17.57
N GLN F 149 33.33 -7.44 -16.78
CA GLN F 149 33.97 -7.16 -15.50
C GLN F 149 35.26 -6.39 -15.70
N ASN F 150 36.05 -6.77 -16.69
CA ASN F 150 37.28 -6.03 -16.96
C ASN F 150 36.97 -4.61 -17.42
N PHE F 151 35.98 -4.46 -18.29
CA PHE F 151 35.53 -3.13 -18.67
C PHE F 151 35.08 -2.28 -17.47
N ALA F 152 34.31 -2.88 -16.59
CA ALA F 152 33.84 -2.21 -15.38
C ALA F 152 35.01 -1.75 -14.49
N LYS F 153 36.00 -2.64 -14.29
CA LYS F 153 37.19 -2.26 -13.48
C LYS F 153 37.76 -1.02 -14.15
N LYS F 154 38.00 -1.13 -15.44
CA LYS F 154 38.63 -0.06 -16.19
C LYS F 154 37.82 1.22 -16.09
N LEU F 155 36.48 1.12 -16.17
CA LEU F 155 35.60 2.31 -16.10
C LEU F 155 35.68 3.02 -14.72
N ASN F 156 35.94 2.29 -13.65
CA ASN F 156 36.02 2.93 -12.32
C ASN F 156 37.40 3.56 -12.02
#